data_2GFT
#
_entry.id   2GFT
#
_cell.length_a   50.273
_cell.length_b   79.354
_cell.length_c   103.906
_cell.angle_alpha   90.00
_cell.angle_beta   100.56
_cell.angle_gamma   90.00
#
_symmetry.space_group_name_H-M   'P 1 21 1'
#
loop_
_entity.id
_entity.type
_entity.pdbx_description
1 polymer 'Glycosyl Hydrolase Family 53'
2 branched beta-D-galactopyranose-(1-4)-beta-D-galactopyranose-(1-4)-beta-D-galactopyranose
3 non-polymer 'CALCIUM ION'
4 water water
#
_entity_poly.entity_id   1
_entity_poly.type   'polypeptide(L)'
_entity_poly.pdbx_seq_one_letter_code
;AHRDSGTAKSGLYVEKVSGLRKDFIKGVDVSSIIALEESGVAFYNESGKKQDIFKTLKEAGVNYVRVRIWNDPYDANGNG
YGGGNNDLEKAIQIGKRATANGMKLLADFHYSDFWADPAKQKAPKAWANLNFEDKKTALYQYTKQSLKAMKAAGIDIGMV
QVGNETNGGLAGETDWAKMSQLFNAGSQAVRETDSNILVALHFTNPETSGRYAWIAETLHRHHVDYDVFASSYYPFWHGT
LKNLTSVLTSVADTYGKKVMVAATSYTYTAEDGDGHGNTAPKNGQTLNNPVTVQGQANAVRDVIQAVSDVGEAGIGVFYW
EPAWIPVGPAHRLEKNKALWETYGSGWATSYAAEYDPEDAGKWFGGSAVDNQALFDFKGRPLPSLHVFQYVDTGTPFKN
;
_entity_poly.pdbx_strand_id   A,B
#
loop_
_chem_comp.id
_chem_comp.type
_chem_comp.name
_chem_comp.formula
CA non-polymer 'CALCIUM ION' 'Ca 2'
GAL D-saccharide, beta linking beta-D-galactopyranose 'C6 H12 O6'
#
# COMPACT_ATOMS: atom_id res chain seq x y z
N GLY A 11 -8.36 -10.49 -7.35
CA GLY A 11 -8.49 -10.63 -8.84
C GLY A 11 -7.18 -10.46 -9.62
N LEU A 12 -6.52 -9.32 -9.41
CA LEU A 12 -5.34 -8.92 -10.19
C LEU A 12 -4.07 -9.73 -9.94
N TYR A 13 -3.34 -9.99 -11.02
CA TYR A 13 -2.01 -10.58 -10.93
C TYR A 13 -0.97 -9.66 -11.57
N VAL A 14 0.19 -9.54 -10.92
CA VAL A 14 1.35 -8.83 -11.45
C VAL A 14 2.55 -9.72 -11.19
N GLU A 15 3.34 -9.97 -12.23
CA GLU A 15 4.58 -10.70 -12.06
C GLU A 15 5.63 -9.73 -11.56
N LYS A 16 6.36 -10.12 -10.51
CA LYS A 16 7.46 -9.31 -9.96
C LYS A 16 8.39 -8.87 -11.09
N VAL A 17 8.72 -7.59 -11.12
CA VAL A 17 9.70 -7.07 -12.07
C VAL A 17 11.09 -7.41 -11.54
N SER A 18 11.83 -8.19 -12.33
CA SER A 18 13.16 -8.66 -11.92
C SER A 18 14.26 -7.62 -12.11
N GLY A 19 15.05 -7.45 -11.05
CA GLY A 19 16.13 -6.49 -11.03
C GLY A 19 15.65 -5.09 -10.76
N LEU A 20 14.38 -4.95 -10.39
CA LEU A 20 13.82 -3.61 -10.12
C LEU A 20 14.53 -2.94 -8.95
N ARG A 21 15.15 -1.78 -9.20
CA ARG A 21 15.79 -1.00 -8.15
C ARG A 21 14.76 -0.46 -7.16
N LYS A 22 15.13 -0.38 -5.88
CA LYS A 22 14.22 0.07 -4.83
C LYS A 22 13.86 1.56 -4.90
N ASP A 23 14.71 2.36 -5.52
CA ASP A 23 14.44 3.79 -5.68
C ASP A 23 13.89 4.17 -7.08
N PHE A 24 13.33 3.19 -7.79
CA PHE A 24 12.77 3.42 -9.13
C PHE A 24 11.67 4.47 -9.09
N ILE A 25 11.65 5.36 -10.08
CA ILE A 25 10.58 6.39 -10.16
C ILE A 25 9.30 5.74 -10.66
N LYS A 26 8.26 5.81 -9.82
CA LYS A 26 6.92 5.38 -10.21
C LYS A 26 6.03 6.60 -10.26
N GLY A 27 5.89 7.17 -11.46
CA GLY A 27 5.26 8.49 -11.63
C GLY A 27 3.91 8.44 -12.32
N VAL A 28 3.14 9.53 -12.13
CA VAL A 28 1.87 9.76 -12.84
C VAL A 28 1.82 11.21 -13.30
N ASP A 29 1.32 11.43 -14.52
CA ASP A 29 0.99 12.77 -15.00
C ASP A 29 -0.51 12.94 -14.86
N VAL A 30 -0.92 13.76 -13.89
CA VAL A 30 -2.35 14.02 -13.63
C VAL A 30 -2.73 15.50 -13.83
N SER A 31 -2.16 16.11 -14.85
CA SER A 31 -2.28 17.54 -15.10
C SER A 31 -3.71 18.04 -15.22
N SER A 32 -4.61 17.17 -15.69
CA SER A 32 -6.02 17.50 -15.87
C SER A 32 -6.83 17.59 -14.56
N ILE A 33 -6.26 17.14 -13.45
CA ILE A 33 -6.94 17.09 -12.14
C ILE A 33 -7.67 18.38 -11.73
N ILE A 34 -7.00 19.53 -11.84
CA ILE A 34 -7.61 20.79 -11.44
C ILE A 34 -8.89 21.10 -12.23
N ALA A 35 -8.80 21.12 -13.57
CA ALA A 35 -9.97 21.35 -14.41
C ALA A 35 -11.08 20.32 -14.17
N LEU A 36 -10.72 19.09 -13.81
CA LEU A 36 -11.70 18.06 -13.55
C LEU A 36 -12.42 18.24 -12.20
N GLU A 37 -11.66 18.58 -11.16
CA GLU A 37 -12.27 18.88 -9.87
C GLU A 37 -13.22 20.11 -9.96
N GLU A 38 -12.82 21.10 -10.73
CA GLU A 38 -13.65 22.25 -11.05
C GLU A 38 -14.92 21.93 -11.84
N SER A 39 -14.88 20.87 -12.64
CA SER A 39 -16.06 20.39 -13.34
C SER A 39 -16.97 19.52 -12.44
N GLY A 40 -16.60 19.40 -11.16
CA GLY A 40 -17.37 18.60 -10.19
C GLY A 40 -17.05 17.12 -10.16
N VAL A 41 -15.92 16.72 -10.75
CA VAL A 41 -15.46 15.32 -10.73
C VAL A 41 -14.85 14.94 -9.37
N ALA A 42 -15.23 13.76 -8.86
CA ALA A 42 -14.75 13.30 -7.56
C ALA A 42 -13.97 11.98 -7.67
N PHE A 43 -12.97 11.85 -6.80
CA PHE A 43 -12.17 10.65 -6.74
C PHE A 43 -12.29 9.99 -5.37
N TYR A 44 -12.12 8.67 -5.37
CA TYR A 44 -12.35 7.84 -4.20
C TYR A 44 -11.14 6.95 -3.90
N ASN A 45 -11.04 6.45 -2.67
CA ASN A 45 -10.08 5.39 -2.35
C ASN A 45 -10.74 4.04 -2.59
N GLU A 46 -10.02 2.92 -2.40
CA GLU A 46 -10.67 1.63 -2.69
C GLU A 46 -11.68 1.18 -1.62
N SER A 47 -11.67 1.87 -0.48
CA SER A 47 -12.70 1.70 0.55
C SER A 47 -14.04 2.38 0.17
N GLY A 48 -14.02 3.19 -0.88
CA GLY A 48 -15.25 3.75 -1.47
C GLY A 48 -15.67 5.11 -0.95
N LYS A 49 -14.76 5.77 -0.24
CA LYS A 49 -15.01 7.09 0.32
C LYS A 49 -14.24 8.19 -0.45
N LYS A 50 -14.82 9.37 -0.53
CA LYS A 50 -14.16 10.50 -1.17
C LYS A 50 -12.82 10.80 -0.54
N GLN A 51 -11.81 10.95 -1.39
CA GLN A 51 -10.45 11.23 -0.97
C GLN A 51 -9.73 12.02 -2.07
N ASP A 52 -8.85 12.93 -1.64
CA ASP A 52 -7.91 13.64 -2.49
C ASP A 52 -7.11 12.61 -3.29
N ILE A 53 -7.08 12.77 -4.62
CA ILE A 53 -6.45 11.79 -5.53
C ILE A 53 -4.96 11.58 -5.23
N PHE A 54 -4.28 12.66 -4.82
CA PHE A 54 -2.88 12.61 -4.42
C PHE A 54 -2.62 11.70 -3.23
N LYS A 55 -3.58 11.60 -2.31
CA LYS A 55 -3.47 10.69 -1.18
C LYS A 55 -3.60 9.24 -1.64
N THR A 56 -4.56 8.98 -2.52
CA THR A 56 -4.78 7.66 -3.09
C THR A 56 -3.60 7.20 -3.97
N LEU A 57 -3.01 8.14 -4.70
CA LEU A 57 -1.81 7.89 -5.50
C LEU A 57 -0.64 7.46 -4.62
N LYS A 58 -0.40 8.23 -3.56
CA LYS A 58 0.66 7.96 -2.61
C LYS A 58 0.55 6.55 -2.00
N GLU A 59 -0.66 6.21 -1.55
CA GLU A 59 -0.96 4.92 -0.93
C GLU A 59 -0.77 3.77 -1.91
N ALA A 60 -0.97 4.06 -3.19
CA ALA A 60 -0.76 3.11 -4.26
C ALA A 60 0.71 2.92 -4.61
N GLY A 61 1.58 3.73 -4.00
CA GLY A 61 3.03 3.58 -4.17
C GLY A 61 3.64 4.45 -5.26
N VAL A 62 2.87 5.42 -5.75
CA VAL A 62 3.38 6.47 -6.62
C VAL A 62 4.37 7.36 -5.81
N ASN A 63 5.49 7.75 -6.41
CA ASN A 63 6.48 8.55 -5.70
C ASN A 63 6.82 9.87 -6.39
N TYR A 64 6.04 10.20 -7.41
CA TYR A 64 6.41 11.25 -8.37
C TYR A 64 5.20 11.67 -9.15
N VAL A 65 5.09 12.98 -9.35
CA VAL A 65 4.00 13.57 -10.11
C VAL A 65 4.59 14.42 -11.22
N ARG A 66 4.02 14.29 -12.41
CA ARG A 66 4.45 15.09 -13.58
C ARG A 66 3.35 16.05 -13.92
N VAL A 67 3.70 17.30 -14.22
CA VAL A 67 2.71 18.31 -14.59
C VAL A 67 3.14 19.05 -15.84
N ARG A 68 2.27 19.10 -16.85
CA ARG A 68 2.51 19.92 -18.07
C ARG A 68 2.26 21.42 -17.83
N ILE A 69 3.18 22.23 -18.35
CA ILE A 69 3.07 23.68 -18.17
C ILE A 69 3.06 24.38 -19.54
N TRP A 70 1.93 25.02 -19.86
CA TRP A 70 1.79 25.88 -21.04
C TRP A 70 1.97 27.34 -20.64
N ASN A 71 2.66 28.11 -21.47
CA ASN A 71 2.96 29.50 -21.11
C ASN A 71 1.69 30.31 -20.86
N ASP A 72 0.81 30.35 -21.86
CA ASP A 72 -0.43 31.09 -21.74
C ASP A 72 -1.54 30.37 -22.50
N PRO A 73 -2.11 29.30 -21.90
CA PRO A 73 -3.14 28.50 -22.58
C PRO A 73 -4.56 29.12 -22.58
N TYR A 74 -4.66 30.40 -22.92
CA TYR A 74 -5.90 31.19 -22.85
C TYR A 74 -5.96 32.13 -24.04
N ASP A 75 -7.16 32.39 -24.56
CA ASP A 75 -7.32 33.47 -25.55
C ASP A 75 -7.18 34.84 -24.89
N ALA A 76 -7.28 35.91 -25.68
CA ALA A 76 -7.12 37.28 -25.20
C ALA A 76 -8.04 37.60 -24.01
N ASN A 77 -9.22 36.99 -24.03
CA ASN A 77 -10.23 37.25 -23.01
C ASN A 77 -10.05 36.36 -21.79
N GLY A 78 -9.02 35.51 -21.84
CA GLY A 78 -8.79 34.53 -20.79
C GLY A 78 -9.69 33.30 -20.83
N ASN A 79 -10.26 33.01 -21.99
CA ASN A 79 -10.97 31.73 -22.15
C ASN A 79 -9.96 30.59 -22.45
N GLY A 80 -9.91 29.63 -21.52
CA GLY A 80 -8.95 28.51 -21.56
C GLY A 80 -9.04 27.71 -22.83
N TYR A 81 -7.86 27.26 -23.29
CA TYR A 81 -7.75 26.42 -24.48
C TYR A 81 -8.21 25.01 -24.17
N GLY A 82 -8.39 24.72 -22.88
CA GLY A 82 -8.70 23.37 -22.44
C GLY A 82 -7.47 22.53 -22.19
N GLY A 83 -7.65 21.22 -22.27
CA GLY A 83 -6.56 20.28 -22.00
C GLY A 83 -6.13 20.32 -20.56
N GLY A 84 -7.03 20.77 -19.68
CA GLY A 84 -6.70 21.02 -18.27
C GLY A 84 -6.30 22.47 -17.96
N ASN A 85 -6.26 23.32 -18.99
CA ASN A 85 -5.84 24.75 -18.85
C ASN A 85 -4.52 24.94 -18.08
N ASN A 86 -3.54 24.11 -18.39
CA ASN A 86 -2.35 23.92 -17.58
C ASN A 86 -1.27 25.00 -17.70
N ASP A 87 -1.29 25.92 -16.74
CA ASP A 87 -0.36 27.03 -16.68
C ASP A 87 0.49 26.84 -15.42
N LEU A 88 1.37 27.80 -15.17
CA LEU A 88 2.21 27.81 -13.97
C LEU A 88 1.38 27.72 -12.67
N GLU A 89 0.28 28.47 -12.61
CA GLU A 89 -0.56 28.54 -11.42
C GLU A 89 -1.11 27.15 -11.04
N LYS A 90 -1.54 26.39 -12.05
CA LYS A 90 -2.04 25.05 -11.79
C LYS A 90 -0.90 24.10 -11.41
N ALA A 91 0.26 24.29 -12.04
CA ALA A 91 1.47 23.51 -11.71
C ALA A 91 1.88 23.64 -10.22
N ILE A 92 1.70 24.84 -9.67
CA ILE A 92 1.95 25.12 -8.26
C ILE A 92 0.87 24.46 -7.39
N GLN A 93 -0.41 24.62 -7.74
CA GLN A 93 -1.47 23.86 -7.09
C GLN A 93 -1.17 22.37 -7.01
N ILE A 94 -0.82 21.77 -8.16
CA ILE A 94 -0.49 20.35 -8.27
C ILE A 94 0.80 20.01 -7.52
N GLY A 95 1.81 20.86 -7.69
CA GLY A 95 3.06 20.69 -6.95
C GLY A 95 2.89 20.68 -5.44
N LYS A 96 2.09 21.60 -4.91
CA LYS A 96 1.84 21.70 -3.45
C LYS A 96 1.22 20.42 -2.93
N ARG A 97 0.19 19.93 -3.62
CA ARG A 97 -0.44 18.67 -3.27
C ARG A 97 0.51 17.46 -3.36
N ALA A 98 1.35 17.39 -4.39
CA ALA A 98 2.32 16.30 -4.56
C ALA A 98 3.31 16.29 -3.42
N THR A 99 3.83 17.48 -3.09
CA THR A 99 4.80 17.63 -2.01
C THR A 99 4.16 17.27 -0.67
N ALA A 100 2.96 17.79 -0.42
CA ALA A 100 2.21 17.48 0.80
C ALA A 100 1.95 15.99 0.95
N ASN A 101 1.96 15.26 -0.16
CA ASN A 101 1.75 13.81 -0.12
C ASN A 101 3.00 12.97 -0.32
N GLY A 102 4.15 13.56 -0.07
CA GLY A 102 5.41 12.83 -0.14
C GLY A 102 5.85 12.38 -1.53
N MET A 103 5.44 13.12 -2.56
CA MET A 103 5.79 12.80 -3.94
C MET A 103 6.58 13.96 -4.55
N LYS A 104 7.70 13.63 -5.20
CA LYS A 104 8.48 14.62 -5.95
C LYS A 104 7.77 15.11 -7.23
N LEU A 105 8.21 16.25 -7.76
CA LEU A 105 7.59 16.83 -8.95
C LEU A 105 8.51 16.76 -10.16
N LEU A 106 7.94 16.40 -11.31
CA LEU A 106 8.59 16.59 -12.62
C LEU A 106 7.85 17.73 -13.31
N ALA A 107 8.50 18.86 -13.48
CA ALA A 107 7.89 19.99 -14.18
C ALA A 107 8.10 19.84 -15.70
N ASP A 108 7.00 19.71 -16.43
CA ASP A 108 7.06 19.46 -17.87
C ASP A 108 6.70 20.71 -18.69
N PHE A 109 7.71 21.53 -18.98
CA PHE A 109 7.57 22.74 -19.78
C PHE A 109 7.45 22.41 -21.28
N HIS A 110 6.29 22.70 -21.86
CA HIS A 110 6.04 22.53 -23.29
C HIS A 110 6.62 23.68 -24.12
N TYR A 111 6.89 24.81 -23.46
CA TYR A 111 7.32 26.04 -24.12
C TYR A 111 6.46 26.39 -25.34
N SER A 112 5.14 26.28 -25.16
CA SER A 112 4.10 26.55 -26.14
C SER A 112 2.90 26.93 -25.28
N ASP A 113 1.91 27.56 -25.89
CA ASP A 113 0.65 27.87 -25.22
C ASP A 113 -0.35 26.73 -25.27
N PHE A 114 -0.04 25.68 -26.00
CA PHE A 114 -0.88 24.49 -26.02
C PHE A 114 -0.05 23.23 -26.31
N TRP A 115 -0.72 22.09 -26.50
CA TRP A 115 -0.07 20.80 -26.65
C TRP A 115 1.19 20.84 -27.50
N ALA A 116 2.32 20.49 -26.90
CA ALA A 116 3.55 20.25 -27.66
C ALA A 116 3.75 18.73 -27.89
N ASP A 117 3.72 18.28 -29.14
CA ASP A 117 4.01 16.88 -29.46
C ASP A 117 4.86 16.76 -30.73
N PRO A 118 4.97 15.56 -31.35
CA PRO A 118 5.75 15.55 -32.60
C PRO A 118 5.20 16.39 -33.76
N ALA A 119 3.91 16.71 -33.76
CA ALA A 119 3.33 17.53 -34.83
C ALA A 119 3.32 19.01 -34.46
N LYS A 120 3.11 19.30 -33.17
CA LYS A 120 2.88 20.66 -32.72
C LYS A 120 3.96 21.16 -31.74
N GLN A 121 4.72 22.16 -32.17
CA GLN A 121 5.77 22.81 -31.37
C GLN A 121 5.75 24.32 -31.64
N LYS A 122 4.59 24.92 -31.37
CA LYS A 122 4.30 26.31 -31.69
C LYS A 122 4.80 27.25 -30.61
N ALA A 123 5.44 28.35 -31.03
CA ALA A 123 5.88 29.37 -30.08
C ALA A 123 4.70 29.86 -29.22
N PRO A 124 4.95 30.15 -27.92
CA PRO A 124 3.91 30.85 -27.17
C PRO A 124 3.55 32.16 -27.89
N LYS A 125 2.30 32.60 -27.75
CA LYS A 125 1.84 33.86 -28.35
C LYS A 125 2.78 35.04 -28.05
N ALA A 126 3.24 35.13 -26.80
CA ALA A 126 4.15 36.18 -26.36
C ALA A 126 5.53 36.16 -27.05
N TRP A 127 5.90 35.03 -27.63
CA TRP A 127 7.20 34.89 -28.26
C TRP A 127 7.13 34.93 -29.79
N ALA A 128 5.91 35.07 -30.31
CA ALA A 128 5.66 34.97 -31.75
C ALA A 128 6.50 35.91 -32.62
N ASN A 129 6.75 37.13 -32.13
CA ASN A 129 7.51 38.12 -32.91
C ASN A 129 8.90 38.43 -32.40
N LEU A 130 9.42 37.56 -31.53
CA LEU A 130 10.78 37.71 -31.02
C LEU A 130 11.78 37.08 -32.01
N ASN A 131 12.91 37.74 -32.23
CA ASN A 131 14.04 37.11 -32.91
C ASN A 131 14.60 36.01 -32.01
N PHE A 132 15.47 35.16 -32.57
CA PHE A 132 15.95 34.00 -31.83
C PHE A 132 16.65 34.33 -30.49
N GLU A 133 17.50 35.35 -30.46
CA GLU A 133 18.22 35.71 -29.22
C GLU A 133 17.23 35.98 -28.10
N ASP A 134 16.25 36.83 -28.39
CA ASP A 134 15.25 37.29 -27.43
C ASP A 134 14.26 36.20 -26.99
N LYS A 135 13.87 35.34 -27.94
CA LYS A 135 13.08 34.13 -27.66
C LYS A 135 13.85 33.20 -26.72
N LYS A 136 15.13 32.99 -27.02
CA LYS A 136 16.01 32.19 -26.16
C LYS A 136 16.10 32.72 -24.72
N THR A 137 16.32 34.02 -24.55
CA THR A 137 16.38 34.58 -23.19
C THR A 137 14.99 34.60 -22.50
N ALA A 138 13.91 34.71 -23.29
CA ALA A 138 12.53 34.57 -22.79
C ALA A 138 12.27 33.14 -22.28
N LEU A 139 12.71 32.14 -23.05
CA LEU A 139 12.64 30.75 -22.59
C LEU A 139 13.40 30.54 -21.28
N TYR A 140 14.66 30.99 -21.25
CA TYR A 140 15.48 30.91 -20.06
C TYR A 140 14.82 31.64 -18.90
N GLN A 141 14.34 32.84 -19.16
CA GLN A 141 13.77 33.70 -18.12
C GLN A 141 12.48 33.12 -17.56
N TYR A 142 11.60 32.67 -18.47
CA TYR A 142 10.37 31.96 -18.10
C TYR A 142 10.60 30.73 -17.19
N THR A 143 11.59 29.89 -17.54
CA THR A 143 11.88 28.67 -16.77
C THR A 143 12.37 29.03 -15.38
N LYS A 144 13.33 29.95 -15.31
CA LYS A 144 13.91 30.42 -14.05
C LYS A 144 12.82 30.99 -13.14
N GLN A 145 12.00 31.91 -13.69
CA GLN A 145 10.90 32.52 -12.91
C GLN A 145 9.91 31.48 -12.44
N SER A 146 9.59 30.53 -13.33
CA SER A 146 8.64 29.48 -13.00
C SER A 146 9.13 28.59 -11.87
N LEU A 147 10.40 28.22 -11.92
CA LEU A 147 11.02 27.37 -10.90
C LEU A 147 11.18 28.07 -9.55
N LYS A 148 11.41 29.39 -9.58
CA LYS A 148 11.51 30.21 -8.39
C LYS A 148 10.15 30.25 -7.66
N ALA A 149 9.10 30.52 -8.42
CA ALA A 149 7.73 30.50 -7.91
C ALA A 149 7.37 29.16 -7.23
N MET A 150 7.78 28.03 -7.83
CA MET A 150 7.50 26.69 -7.28
C MET A 150 8.30 26.42 -6.00
N LYS A 151 9.56 26.81 -5.99
CA LYS A 151 10.40 26.71 -4.80
C LYS A 151 9.81 27.60 -3.71
N ALA A 152 9.41 28.81 -4.10
CA ALA A 152 8.79 29.75 -3.16
C ALA A 152 7.54 29.12 -2.52
N ALA A 153 6.84 28.28 -3.29
CA ALA A 153 5.63 27.62 -2.81
C ALA A 153 5.95 26.40 -1.94
N GLY A 154 7.22 26.15 -1.70
CA GLY A 154 7.65 25.01 -0.89
C GLY A 154 7.66 23.68 -1.62
N ILE A 155 7.53 23.69 -2.94
CA ILE A 155 7.46 22.45 -3.74
C ILE A 155 8.79 21.70 -3.84
N ASP A 156 8.71 20.40 -3.61
CA ASP A 156 9.84 19.49 -3.82
C ASP A 156 9.97 19.08 -5.30
N ILE A 157 10.86 19.75 -6.03
CA ILE A 157 11.06 19.45 -7.44
C ILE A 157 12.22 18.47 -7.63
N GLY A 158 11.92 17.31 -8.20
CA GLY A 158 12.95 16.32 -8.50
C GLY A 158 13.56 16.41 -9.88
N MET A 159 12.78 16.88 -10.86
CA MET A 159 13.17 16.83 -12.27
C MET A 159 12.46 17.89 -13.08
N VAL A 160 13.13 18.41 -14.11
CA VAL A 160 12.52 19.31 -15.09
C VAL A 160 12.78 18.79 -16.51
N GLN A 161 11.70 18.75 -17.27
CA GLN A 161 11.65 18.38 -18.68
C GLN A 161 11.70 19.68 -19.48
N VAL A 162 12.78 19.86 -20.25
CA VAL A 162 12.92 21.04 -21.12
C VAL A 162 12.35 20.69 -22.49
N GLY A 163 11.06 20.97 -22.67
CA GLY A 163 10.32 20.57 -23.86
C GLY A 163 9.62 19.23 -23.68
N ASN A 164 8.69 18.95 -24.58
CA ASN A 164 7.85 17.76 -24.55
C ASN A 164 7.77 17.15 -25.97
N GLU A 165 8.27 15.94 -26.13
CA GLU A 165 8.28 15.25 -27.43
C GLU A 165 8.76 16.15 -28.56
N THR A 166 9.95 16.71 -28.34
CA THR A 166 10.57 17.64 -29.24
C THR A 166 11.32 16.89 -30.36
N ASN A 167 10.64 15.96 -31.02
CA ASN A 167 11.16 15.22 -32.17
C ASN A 167 11.51 16.08 -33.37
N GLY A 168 10.76 17.16 -33.58
CA GLY A 168 10.90 17.96 -34.80
C GLY A 168 10.98 19.46 -34.60
N GLY A 169 10.88 19.91 -33.35
CA GLY A 169 10.90 21.35 -33.07
C GLY A 169 10.79 21.70 -31.60
N LEU A 170 10.92 23.00 -31.32
CA LEU A 170 10.77 23.56 -29.98
C LEU A 170 10.49 25.04 -30.10
N ALA A 171 9.38 25.47 -29.51
CA ALA A 171 8.99 26.89 -29.41
C ALA A 171 9.10 27.64 -30.77
N GLY A 172 8.60 27.00 -31.81
CA GLY A 172 8.54 27.63 -33.11
C GLY A 172 9.77 27.36 -33.95
N GLU A 173 10.84 26.82 -33.33
CA GLU A 173 12.08 26.49 -34.02
C GLU A 173 12.13 25.03 -34.49
N THR A 174 12.65 24.82 -35.70
CA THR A 174 12.76 23.47 -36.28
C THR A 174 14.20 23.10 -36.59
N ASP A 175 15.09 24.09 -36.51
CA ASP A 175 16.51 23.87 -36.75
C ASP A 175 17.18 23.33 -35.48
N TRP A 176 17.80 22.17 -35.59
CA TRP A 176 18.37 21.44 -34.44
C TRP A 176 19.50 22.18 -33.69
N ALA A 177 20.25 23.00 -34.42
CA ALA A 177 21.23 23.88 -33.83
C ALA A 177 20.54 24.97 -32.97
N LYS A 178 19.40 25.46 -33.46
CA LYS A 178 18.60 26.41 -32.68
C LYS A 178 17.90 25.70 -31.49
N MET A 179 17.34 24.52 -31.74
CA MET A 179 16.68 23.73 -30.69
C MET A 179 17.62 23.42 -29.53
N SER A 180 18.87 23.08 -29.87
CA SER A 180 19.91 22.79 -28.89
C SER A 180 20.25 23.97 -28.00
N GLN A 181 20.32 25.16 -28.58
CA GLN A 181 20.50 26.39 -27.79
C GLN A 181 19.30 26.64 -26.87
N LEU A 182 18.11 26.26 -27.33
CA LEU A 182 16.91 26.37 -26.49
C LEU A 182 16.94 25.36 -25.34
N PHE A 183 17.23 24.10 -25.66
CA PHE A 183 17.48 23.10 -24.61
C PHE A 183 18.45 23.63 -23.53
N ASN A 184 19.55 24.24 -23.97
CA ASN A 184 20.56 24.77 -23.05
C ASN A 184 20.09 25.98 -22.24
N ALA A 185 19.26 26.82 -22.86
CA ALA A 185 18.64 27.97 -22.15
C ALA A 185 17.79 27.51 -20.99
N GLY A 186 16.96 26.50 -21.21
CA GLY A 186 16.13 25.92 -20.15
C GLY A 186 16.97 25.21 -19.11
N SER A 187 17.88 24.34 -19.57
CA SER A 187 18.81 23.64 -18.67
C SER A 187 19.56 24.60 -17.74
N GLN A 188 20.02 25.71 -18.32
CA GLN A 188 20.71 26.77 -17.58
C GLN A 188 19.87 27.25 -16.39
N ALA A 189 18.59 27.53 -16.65
CA ALA A 189 17.67 27.96 -15.60
C ALA A 189 17.56 26.93 -14.48
N VAL A 190 17.46 25.65 -14.84
CA VAL A 190 17.38 24.55 -13.88
C VAL A 190 18.65 24.43 -13.01
N ARG A 191 19.81 24.40 -13.66
CA ARG A 191 21.13 24.43 -13.03
C ARG A 191 21.30 25.57 -12.02
N GLU A 192 20.78 26.76 -12.35
CA GLU A 192 20.88 27.95 -11.51
C GLU A 192 19.97 27.84 -10.30
N THR A 193 18.87 27.10 -10.45
CA THR A 193 17.85 26.96 -9.42
C THR A 193 18.26 26.00 -8.29
N ASP A 194 18.71 24.80 -8.70
CA ASP A 194 19.08 23.74 -7.78
C ASP A 194 19.90 22.73 -8.57
N SER A 195 21.12 22.48 -8.09
CA SER A 195 22.07 21.51 -8.66
C SER A 195 21.57 20.08 -8.67
N ASN A 196 20.66 19.78 -7.76
CA ASN A 196 20.13 18.44 -7.57
C ASN A 196 18.96 18.09 -8.48
N ILE A 197 18.37 19.08 -9.13
CA ILE A 197 17.27 18.82 -10.08
C ILE A 197 17.82 18.14 -11.34
N LEU A 198 17.20 17.03 -11.72
CA LEU A 198 17.59 16.33 -12.97
C LEU A 198 16.97 17.04 -14.16
N VAL A 199 17.77 17.24 -15.21
CA VAL A 199 17.28 17.85 -16.46
C VAL A 199 16.98 16.73 -17.45
N ALA A 200 15.71 16.61 -17.82
CA ALA A 200 15.26 15.65 -18.81
C ALA A 200 14.99 16.33 -20.16
N LEU A 201 15.36 15.64 -21.25
CA LEU A 201 14.87 15.94 -22.61
C LEU A 201 13.98 14.77 -23.01
N HIS A 202 12.93 15.05 -23.76
CA HIS A 202 11.84 14.10 -23.94
C HIS A 202 11.51 13.92 -25.42
N PHE A 203 11.64 12.70 -25.92
CA PHE A 203 11.42 12.39 -27.31
C PHE A 203 10.41 11.25 -27.40
N THR A 204 9.99 10.94 -28.61
CA THR A 204 9.02 9.89 -28.83
C THR A 204 9.31 9.19 -30.16
N ASN A 205 8.45 8.23 -30.53
CA ASN A 205 8.69 7.32 -31.62
C ASN A 205 10.02 6.56 -31.51
N PRO A 206 10.20 5.79 -30.42
CA PRO A 206 11.45 5.04 -30.25
C PRO A 206 11.62 3.94 -31.30
N GLU A 207 10.51 3.51 -31.91
CA GLU A 207 10.49 2.42 -32.90
C GLU A 207 11.11 2.83 -34.22
N THR A 208 11.25 4.14 -34.43
CA THR A 208 11.83 4.67 -35.67
C THR A 208 13.31 4.33 -35.77
N SER A 209 13.68 3.70 -36.88
CA SER A 209 15.03 3.21 -37.10
C SER A 209 16.11 4.31 -36.97
N GLY A 210 16.98 4.19 -35.96
CA GLY A 210 18.11 5.11 -35.79
C GLY A 210 17.79 6.52 -35.32
N ARG A 211 16.53 6.78 -34.96
CA ARG A 211 16.08 8.12 -34.54
C ARG A 211 16.77 8.59 -33.27
N TYR A 212 16.64 7.78 -32.20
CA TYR A 212 17.22 8.11 -30.90
C TYR A 212 18.74 8.17 -30.91
N ALA A 213 19.37 7.30 -31.72
CA ALA A 213 20.83 7.37 -31.98
C ALA A 213 21.21 8.70 -32.61
N TRP A 214 20.43 9.12 -33.60
CA TRP A 214 20.70 10.39 -34.26
C TRP A 214 20.51 11.55 -33.27
N ILE A 215 19.39 11.56 -32.53
CA ILE A 215 19.08 12.67 -31.61
C ILE A 215 20.17 12.80 -30.53
N ALA A 216 20.52 11.68 -29.91
CA ALA A 216 21.50 11.67 -28.83
C ALA A 216 22.88 12.14 -29.28
N GLU A 217 23.29 11.71 -30.48
CA GLU A 217 24.50 12.20 -31.16
C GLU A 217 24.45 13.70 -31.52
N THR A 218 23.32 14.16 -32.03
CA THR A 218 23.12 15.59 -32.30
C THR A 218 23.20 16.44 -31.00
N LEU A 219 22.52 15.99 -29.95
CA LEU A 219 22.59 16.65 -28.64
C LEU A 219 24.02 16.76 -28.13
N HIS A 220 24.77 15.67 -28.29
CA HIS A 220 26.18 15.59 -27.94
C HIS A 220 27.01 16.57 -28.78
N ARG A 221 26.86 16.53 -30.10
CA ARG A 221 27.61 17.46 -30.97
C ARG A 221 27.30 18.93 -30.68
N HIS A 222 26.08 19.23 -30.26
CA HIS A 222 25.70 20.60 -29.96
C HIS A 222 25.90 20.95 -28.49
N HIS A 223 26.56 20.07 -27.74
CA HIS A 223 26.95 20.30 -26.35
C HIS A 223 25.77 20.56 -25.42
N VAL A 224 24.64 19.89 -25.63
CA VAL A 224 23.46 20.09 -24.78
C VAL A 224 23.70 19.45 -23.41
N ASP A 225 23.51 20.25 -22.37
CA ASP A 225 23.67 19.79 -20.98
C ASP A 225 22.37 19.23 -20.41
N TYR A 226 22.28 17.92 -20.32
CA TYR A 226 21.08 17.29 -19.77
C TYR A 226 21.44 15.97 -19.05
N ASP A 227 20.58 15.53 -18.12
CA ASP A 227 20.84 14.32 -17.33
C ASP A 227 20.10 13.08 -17.84
N VAL A 228 18.84 13.27 -18.23
CA VAL A 228 17.93 12.17 -18.58
C VAL A 228 17.47 12.28 -20.05
N PHE A 229 17.62 11.19 -20.79
CA PHE A 229 17.01 11.03 -22.10
C PHE A 229 15.68 10.30 -21.87
N ALA A 230 14.57 11.04 -21.98
CA ALA A 230 13.24 10.50 -21.72
C ALA A 230 12.55 10.16 -23.03
N SER A 231 11.72 9.12 -22.99
CA SER A 231 10.95 8.68 -24.14
C SER A 231 9.49 8.47 -23.76
N SER A 232 8.61 8.74 -24.72
CA SER A 232 7.24 8.24 -24.67
C SER A 232 7.23 6.77 -25.04
N TYR A 233 6.22 6.09 -24.52
CA TYR A 233 5.96 4.73 -24.94
C TYR A 233 4.51 4.34 -24.85
N TYR A 234 3.83 4.47 -25.98
CA TYR A 234 2.47 3.98 -26.13
C TYR A 234 2.51 2.75 -27.01
N PRO A 235 2.21 1.57 -26.44
CA PRO A 235 2.44 0.32 -27.19
C PRO A 235 1.63 0.20 -28.49
N PHE A 236 0.60 1.06 -28.65
CA PHE A 236 -0.26 1.04 -29.84
C PHE A 236 0.48 1.35 -31.12
N TRP A 237 1.47 2.25 -31.01
CA TRP A 237 2.25 2.66 -32.18
C TRP A 237 3.75 2.57 -32.03
N HIS A 238 4.27 2.43 -30.82
CA HIS A 238 5.71 2.67 -30.60
C HIS A 238 6.63 1.47 -30.63
N GLY A 239 6.15 0.38 -31.21
CA GLY A 239 6.97 -0.80 -31.40
C GLY A 239 7.15 -1.61 -30.12
N THR A 240 8.21 -2.41 -30.09
CA THR A 240 8.34 -3.45 -29.08
C THR A 240 9.04 -2.96 -27.81
N LEU A 241 8.81 -3.68 -26.72
CA LEU A 241 9.47 -3.40 -25.45
C LEU A 241 10.95 -3.71 -25.55
N LYS A 242 11.26 -4.75 -26.32
CA LYS A 242 12.64 -5.16 -26.62
C LYS A 242 13.36 -4.00 -27.31
N ASN A 243 12.70 -3.40 -28.29
CA ASN A 243 13.27 -2.25 -28.98
C ASN A 243 13.49 -1.04 -28.05
N LEU A 244 12.45 -0.67 -27.31
CA LEU A 244 12.55 0.39 -26.31
C LEU A 244 13.80 0.23 -25.44
N THR A 245 13.97 -0.97 -24.87
CA THR A 245 15.09 -1.25 -23.98
C THR A 245 16.37 -1.03 -24.72
N SER A 246 16.41 -1.54 -25.95
CA SER A 246 17.59 -1.46 -26.79
C SER A 246 17.99 -0.01 -27.17
N VAL A 247 17.03 0.80 -27.64
CA VAL A 247 17.36 2.20 -28.02
C VAL A 247 17.74 3.06 -26.81
N LEU A 248 17.10 2.82 -25.67
CA LEU A 248 17.46 3.54 -24.45
C LEU A 248 18.81 3.07 -23.91
N THR A 249 19.09 1.77 -23.97
CA THR A 249 20.37 1.25 -23.49
C THR A 249 21.52 1.83 -24.29
N SER A 250 21.31 2.01 -25.58
CA SER A 250 22.34 2.55 -26.45
C SER A 250 22.65 4.00 -26.09
N VAL A 251 21.61 4.80 -25.85
CA VAL A 251 21.80 6.18 -25.37
C VAL A 251 22.51 6.23 -24.00
N ALA A 252 22.06 5.39 -23.07
CA ALA A 252 22.69 5.32 -21.74
C ALA A 252 24.16 4.95 -21.82
N ASP A 253 24.48 3.85 -22.52
CA ASP A 253 25.86 3.38 -22.68
C ASP A 253 26.79 4.35 -23.42
N THR A 254 26.32 4.90 -24.55
CA THR A 254 27.14 5.77 -25.40
C THR A 254 27.37 7.15 -24.78
N TYR A 255 26.36 7.71 -24.15
CA TYR A 255 26.45 9.10 -23.69
C TYR A 255 26.46 9.27 -22.16
N GLY A 256 26.30 8.18 -21.43
CA GLY A 256 26.36 8.25 -19.97
C GLY A 256 25.18 9.02 -19.41
N LYS A 257 23.99 8.73 -19.95
CA LYS A 257 22.77 9.40 -19.56
C LYS A 257 21.88 8.48 -18.75
N LYS A 258 21.06 9.06 -17.89
CA LYS A 258 19.95 8.33 -17.33
C LYS A 258 18.88 8.26 -18.41
N VAL A 259 17.99 7.29 -18.30
CA VAL A 259 16.88 7.12 -19.22
C VAL A 259 15.61 6.77 -18.46
N MET A 260 14.46 7.12 -19.02
CA MET A 260 13.18 6.82 -18.41
C MET A 260 12.06 6.93 -19.44
N VAL A 261 10.88 6.44 -19.07
CA VAL A 261 9.66 6.66 -19.85
C VAL A 261 8.86 7.81 -19.20
N ALA A 262 8.70 8.91 -19.94
CA ALA A 262 8.04 10.12 -19.41
C ALA A 262 6.52 10.07 -19.59
N ALA A 263 6.07 9.21 -20.49
CA ALA A 263 4.64 9.08 -20.77
C ALA A 263 4.33 7.71 -21.34
N THR A 264 3.42 7.03 -20.66
CA THR A 264 2.94 5.72 -21.10
C THR A 264 1.52 5.50 -20.59
N SER A 265 0.77 4.66 -21.29
CA SER A 265 -0.57 4.27 -20.86
C SER A 265 -1.02 3.00 -21.55
N TYR A 266 -2.16 2.46 -21.14
CA TYR A 266 -2.88 1.41 -21.87
C TYR A 266 -4.37 1.47 -21.59
N THR A 267 -5.17 0.89 -22.48
CA THR A 267 -6.62 0.84 -22.34
C THR A 267 -7.10 -0.31 -21.42
N TYR A 268 -7.94 0.01 -20.43
CA TYR A 268 -8.55 -1.03 -19.60
C TYR A 268 -9.96 -1.44 -20.10
N THR A 269 -10.49 -0.66 -21.04
CA THR A 269 -11.81 -0.92 -21.61
C THR A 269 -11.87 -0.36 -23.02
N ALA A 270 -12.80 -0.87 -23.83
CA ALA A 270 -13.02 -0.35 -25.18
C ALA A 270 -14.08 0.73 -25.15
N GLU A 271 -14.77 0.84 -24.03
CA GLU A 271 -15.86 1.79 -23.86
C GLU A 271 -15.40 3.24 -23.81
N ASP A 272 -16.17 4.10 -24.47
CA ASP A 272 -15.99 5.54 -24.42
C ASP A 272 -16.90 6.11 -23.34
N GLY A 273 -16.31 6.59 -22.25
CA GLY A 273 -17.05 6.97 -21.07
C GLY A 273 -17.69 8.34 -21.04
N ASP A 274 -17.39 9.20 -22.00
CA ASP A 274 -17.92 10.57 -21.94
C ASP A 274 -18.56 11.10 -23.21
N GLY A 275 -18.51 10.33 -24.29
CA GLY A 275 -19.16 10.77 -25.52
C GLY A 275 -18.21 11.35 -26.53
N HIS A 276 -16.97 11.61 -26.11
CA HIS A 276 -15.92 12.06 -27.00
C HIS A 276 -14.98 10.91 -27.36
N GLY A 277 -14.92 10.61 -28.66
CA GLY A 277 -14.10 9.51 -29.18
C GLY A 277 -12.73 9.41 -28.53
N ASN A 278 -12.38 8.19 -28.11
CA ASN A 278 -11.10 7.92 -27.48
C ASN A 278 -10.01 7.61 -28.50
N THR A 279 -8.77 7.87 -28.11
CA THR A 279 -7.57 7.69 -28.94
C THR A 279 -7.40 6.23 -29.32
N ALA A 280 -7.73 5.35 -28.39
CA ALA A 280 -7.54 3.91 -28.50
C ALA A 280 -8.62 3.25 -27.65
N PRO A 281 -9.02 2.00 -28.01
CA PRO A 281 -8.45 1.14 -29.04
C PRO A 281 -9.01 1.43 -30.43
N LYS A 282 -8.19 1.23 -31.46
CA LYS A 282 -8.58 1.51 -32.85
C LYS A 282 -8.02 0.46 -33.79
N ASN A 283 -8.71 0.26 -34.91
CA ASN A 283 -8.21 -0.54 -36.06
C ASN A 283 -6.80 -0.14 -36.44
N GLY A 284 -5.91 -1.13 -36.54
CA GLY A 284 -4.55 -0.88 -36.95
C GLY A 284 -3.52 -0.67 -35.85
N GLN A 285 -3.99 -0.43 -34.63
CA GLN A 285 -3.12 -0.27 -33.47
C GLN A 285 -2.67 -1.64 -32.98
N THR A 286 -1.41 -1.75 -32.58
CA THR A 286 -0.90 -2.97 -31.93
C THR A 286 -1.44 -3.06 -30.50
N LEU A 287 -2.14 -4.15 -30.21
CA LEU A 287 -2.70 -4.41 -28.88
C LEU A 287 -2.24 -5.78 -28.40
N ASN A 288 -1.05 -5.81 -27.80
CA ASN A 288 -0.45 -7.02 -27.30
C ASN A 288 -1.04 -7.53 -26.01
N ASN A 289 -1.83 -6.68 -25.34
CA ASN A 289 -2.48 -7.08 -24.11
C ASN A 289 -3.97 -7.03 -24.29
N PRO A 290 -4.72 -7.86 -23.57
CA PRO A 290 -6.18 -7.71 -23.57
C PRO A 290 -6.60 -6.31 -23.13
N VAL A 291 -7.71 -5.85 -23.68
CA VAL A 291 -8.24 -4.53 -23.35
C VAL A 291 -9.09 -4.74 -22.11
N THR A 292 -8.40 -4.93 -20.99
CA THR A 292 -9.00 -5.20 -19.69
C THR A 292 -8.11 -4.56 -18.63
N VAL A 293 -8.59 -4.55 -17.39
CA VAL A 293 -7.85 -4.06 -16.24
C VAL A 293 -6.56 -4.86 -16.06
N GLN A 294 -6.65 -6.19 -16.18
CA GLN A 294 -5.47 -7.06 -16.18
C GLN A 294 -4.49 -6.78 -17.30
N GLY A 295 -5.03 -6.63 -18.52
CA GLY A 295 -4.21 -6.26 -19.67
C GLY A 295 -3.47 -4.96 -19.43
N GLN A 296 -4.21 -3.97 -18.93
CA GLN A 296 -3.63 -2.66 -18.60
C GLN A 296 -2.49 -2.79 -17.58
N ALA A 297 -2.73 -3.51 -16.49
CA ALA A 297 -1.69 -3.82 -15.49
C ALA A 297 -0.47 -4.54 -16.09
N ASN A 298 -0.71 -5.55 -16.94
CA ASN A 298 0.40 -6.22 -17.65
C ASN A 298 1.25 -5.21 -18.41
N ALA A 299 0.57 -4.29 -19.11
CA ALA A 299 1.22 -3.31 -19.99
C ALA A 299 2.11 -2.35 -19.22
N VAL A 300 1.63 -1.95 -18.04
CA VAL A 300 2.40 -1.06 -17.17
C VAL A 300 3.57 -1.80 -16.55
N ARG A 301 3.33 -3.03 -16.09
CA ARG A 301 4.38 -3.84 -15.48
C ARG A 301 5.50 -4.08 -16.50
N ASP A 302 5.12 -4.36 -17.75
CA ASP A 302 6.10 -4.62 -18.82
C ASP A 302 6.95 -3.42 -19.21
N VAL A 303 6.36 -2.22 -19.28
CA VAL A 303 7.15 -1.02 -19.56
C VAL A 303 8.15 -0.72 -18.44
N ILE A 304 7.70 -0.90 -17.19
CA ILE A 304 8.58 -0.83 -16.01
C ILE A 304 9.73 -1.83 -16.13
N GLN A 305 9.41 -3.06 -16.53
CA GLN A 305 10.42 -4.10 -16.80
C GLN A 305 11.43 -3.66 -17.87
N ALA A 306 10.94 -3.09 -18.96
CA ALA A 306 11.79 -2.71 -20.09
C ALA A 306 12.80 -1.60 -19.75
N VAL A 307 12.42 -0.67 -18.85
CA VAL A 307 13.27 0.44 -18.41
C VAL A 307 14.23 -0.07 -17.35
N SER A 308 13.71 -0.90 -16.45
CA SER A 308 14.53 -1.54 -15.43
C SER A 308 15.65 -2.33 -16.10
N ASP A 309 15.29 -3.06 -17.17
CA ASP A 309 16.27 -3.87 -17.92
C ASP A 309 17.40 -3.07 -18.54
N VAL A 310 17.33 -1.74 -18.48
CA VAL A 310 18.42 -0.92 -18.97
C VAL A 310 19.61 -0.99 -18.01
N GLY A 311 19.33 -1.36 -16.76
CA GLY A 311 20.36 -1.41 -15.74
C GLY A 311 20.37 -0.13 -14.95
N GLU A 312 21.58 0.26 -14.50
CA GLU A 312 21.83 1.42 -13.66
C GLU A 312 21.06 2.64 -14.13
N ALA A 313 21.13 2.88 -15.44
CA ALA A 313 20.65 4.10 -16.05
C ALA A 313 19.12 4.22 -16.17
N GLY A 314 18.40 3.10 -16.07
CA GLY A 314 16.93 3.10 -16.16
C GLY A 314 16.30 3.56 -14.86
N ILE A 315 15.82 4.80 -14.80
CA ILE A 315 15.43 5.42 -13.52
C ILE A 315 13.95 5.45 -13.19
N GLY A 316 13.09 5.43 -14.20
CA GLY A 316 11.66 5.37 -13.93
C GLY A 316 10.68 5.37 -15.08
N VAL A 317 9.40 5.27 -14.70
CA VAL A 317 8.28 5.32 -15.63
C VAL A 317 7.21 6.28 -15.09
N PHE A 318 6.67 7.14 -15.96
CA PHE A 318 5.50 7.97 -15.63
C PHE A 318 4.32 7.51 -16.45
N TYR A 319 3.22 7.20 -15.77
CA TYR A 319 1.96 6.88 -16.41
C TYR A 319 1.30 8.20 -16.80
N TRP A 320 0.95 8.33 -18.08
CA TRP A 320 0.33 9.56 -18.57
C TRP A 320 -1.19 9.56 -18.38
N GLU A 321 -1.65 10.52 -17.56
CA GLU A 321 -3.08 10.77 -17.34
C GLU A 321 -3.89 9.55 -16.87
N PRO A 322 -3.59 9.02 -15.66
CA PRO A 322 -4.31 7.88 -15.11
C PRO A 322 -5.69 8.21 -14.57
N ALA A 323 -6.16 9.45 -14.79
CA ALA A 323 -7.39 9.91 -14.16
C ALA A 323 -8.14 11.02 -14.95
N TRP A 324 -7.99 11.02 -16.28
CA TRP A 324 -8.76 11.92 -17.15
C TRP A 324 -10.13 11.30 -17.41
N ILE A 325 -10.87 11.06 -16.33
CA ILE A 325 -12.16 10.39 -16.39
C ILE A 325 -13.27 11.37 -16.81
N PRO A 326 -14.44 10.82 -17.23
CA PRO A 326 -15.61 11.59 -17.69
C PRO A 326 -16.16 12.64 -16.69
N VAL A 327 -16.59 13.80 -17.21
CA VAL A 327 -17.32 14.77 -16.40
C VAL A 327 -18.79 14.33 -16.20
N GLY A 328 -19.20 13.31 -16.96
CA GLY A 328 -20.57 12.78 -16.97
C GLY A 328 -20.62 11.72 -18.06
N PRO A 329 -21.71 10.90 -18.07
CA PRO A 329 -21.86 9.77 -18.99
C PRO A 329 -22.05 10.18 -20.44
N ALA A 330 -21.83 9.23 -21.37
CA ALA A 330 -21.78 9.53 -22.79
C ALA A 330 -23.10 10.04 -23.36
N HIS A 331 -24.20 9.59 -22.75
CA HIS A 331 -25.55 9.94 -23.21
C HIS A 331 -25.83 11.41 -22.92
N ARG A 332 -25.16 11.98 -21.92
CA ARG A 332 -25.27 13.44 -21.74
C ARG A 332 -24.14 14.28 -22.36
N LEU A 333 -23.76 13.87 -23.57
CA LEU A 333 -22.77 14.55 -24.42
C LEU A 333 -22.91 16.07 -24.42
N GLU A 334 -24.08 16.57 -24.79
CA GLU A 334 -24.27 18.04 -24.96
C GLU A 334 -24.22 18.77 -23.60
N LYS A 335 -24.55 18.04 -22.54
CA LYS A 335 -24.42 18.57 -21.20
C LYS A 335 -22.92 18.57 -20.81
N ASN A 336 -22.18 17.55 -21.25
CA ASN A 336 -20.74 17.44 -21.01
C ASN A 336 -19.98 18.58 -21.68
N LYS A 337 -20.36 18.87 -22.92
CA LYS A 337 -19.73 19.92 -23.73
C LYS A 337 -19.63 21.25 -23.01
N ALA A 338 -20.68 21.60 -22.28
CA ALA A 338 -20.72 22.84 -21.52
C ALA A 338 -19.63 22.88 -20.45
N LEU A 339 -19.44 21.78 -19.74
CA LEU A 339 -18.36 21.64 -18.72
C LEU A 339 -16.96 21.69 -19.36
N TRP A 340 -16.76 20.94 -20.44
CA TRP A 340 -15.50 20.98 -21.21
C TRP A 340 -15.19 22.40 -21.65
N GLU A 341 -16.19 23.07 -22.17
CA GLU A 341 -16.06 24.43 -22.67
C GLU A 341 -15.75 25.45 -21.55
N THR A 342 -16.42 25.31 -20.40
CA THR A 342 -16.25 26.26 -19.30
C THR A 342 -14.99 26.02 -18.49
N TYR A 343 -14.70 24.76 -18.19
CA TYR A 343 -13.63 24.48 -17.24
C TYR A 343 -12.38 23.95 -17.89
N GLY A 344 -12.43 23.73 -19.21
CA GLY A 344 -11.32 23.19 -19.97
C GLY A 344 -10.92 21.79 -19.52
N SER A 345 -11.90 20.97 -19.18
CA SER A 345 -11.66 19.64 -18.59
C SER A 345 -11.66 18.52 -19.63
N GLY A 346 -11.89 18.89 -20.90
CA GLY A 346 -11.62 18.00 -22.01
C GLY A 346 -10.24 18.29 -22.56
N TRP A 347 -9.86 17.61 -23.64
CA TRP A 347 -8.52 17.79 -24.19
C TRP A 347 -8.34 19.17 -24.85
N ALA A 348 -9.43 19.82 -25.22
CA ALA A 348 -9.40 21.15 -25.85
C ALA A 348 -10.79 21.78 -25.86
N THR A 349 -10.81 23.11 -25.81
CA THR A 349 -12.04 23.89 -26.03
C THR A 349 -12.01 24.52 -27.43
N SER A 350 -13.16 25.01 -27.88
CA SER A 350 -13.27 25.76 -29.15
C SER A 350 -12.37 27.00 -29.15
N TYR A 351 -12.07 27.51 -27.96
CA TYR A 351 -11.22 28.69 -27.79
C TYR A 351 -9.77 28.50 -28.27
N ALA A 352 -9.36 27.25 -28.42
CA ALA A 352 -8.04 26.90 -28.89
C ALA A 352 -7.91 26.94 -30.41
N ALA A 353 -9.02 27.21 -31.11
CA ALA A 353 -9.03 27.27 -32.59
C ALA A 353 -8.21 28.43 -33.11
N GLU A 354 -8.09 29.48 -32.32
CA GLU A 354 -7.20 30.61 -32.65
C GLU A 354 -5.74 30.15 -32.76
N TYR A 355 -5.30 29.31 -31.82
CA TYR A 355 -3.90 28.93 -31.71
C TYR A 355 -3.58 27.71 -32.54
N ASP A 356 -4.51 26.75 -32.56
CA ASP A 356 -4.35 25.50 -33.31
C ASP A 356 -5.61 25.18 -34.14
N PRO A 357 -5.76 25.85 -35.29
CA PRO A 357 -6.93 25.59 -36.13
C PRO A 357 -7.01 24.19 -36.74
N GLU A 358 -5.86 23.61 -37.08
CA GLU A 358 -5.80 22.35 -37.83
C GLU A 358 -6.20 21.13 -37.03
N ASP A 359 -5.98 21.16 -35.72
CA ASP A 359 -6.20 20.01 -34.88
C ASP A 359 -7.27 20.31 -33.84
N ALA A 360 -6.95 21.14 -32.85
CA ALA A 360 -7.92 21.53 -31.83
C ALA A 360 -9.15 22.22 -32.44
N GLY A 361 -8.93 22.91 -33.57
CA GLY A 361 -10.01 23.59 -34.27
C GLY A 361 -11.10 22.67 -34.79
N LYS A 362 -10.72 21.51 -35.30
CA LYS A 362 -11.70 20.53 -35.77
C LYS A 362 -12.05 19.40 -34.79
N TRP A 363 -11.14 19.09 -33.86
CA TRP A 363 -11.34 17.95 -32.94
C TRP A 363 -11.68 18.29 -31.50
N PHE A 364 -11.81 19.57 -31.14
CA PHE A 364 -12.05 19.99 -29.73
C PHE A 364 -13.20 19.25 -29.04
N GLY A 365 -13.07 19.03 -27.73
CA GLY A 365 -14.12 18.37 -26.94
C GLY A 365 -13.70 17.84 -25.57
N GLY A 366 -14.06 16.58 -25.30
CA GLY A 366 -13.84 15.93 -23.99
C GLY A 366 -12.58 15.11 -23.88
N SER A 367 -12.59 14.12 -22.99
CA SER A 367 -11.45 13.21 -22.77
C SER A 367 -11.31 12.18 -23.90
N ALA A 368 -10.11 12.03 -24.42
CA ALA A 368 -9.82 11.03 -25.42
C ALA A 368 -9.17 9.81 -24.78
N VAL A 369 -9.11 9.80 -23.44
CA VAL A 369 -8.32 8.80 -22.71
C VAL A 369 -8.97 8.30 -21.43
N ASP A 370 -10.27 8.53 -21.27
CA ASP A 370 -11.00 8.02 -20.11
C ASP A 370 -10.89 6.49 -19.94
N ASN A 371 -10.70 5.78 -21.05
CA ASN A 371 -10.57 4.32 -21.04
C ASN A 371 -9.13 3.84 -20.79
N GLN A 372 -8.24 4.77 -20.51
CA GLN A 372 -6.83 4.48 -20.21
C GLN A 372 -6.50 4.94 -18.81
N ALA A 373 -7.53 5.36 -18.09
CA ALA A 373 -7.39 5.73 -16.68
C ALA A 373 -7.08 4.50 -15.82
N LEU A 374 -6.54 4.75 -14.61
CA LEU A 374 -6.39 3.70 -13.58
C LEU A 374 -7.45 3.87 -12.50
N PHE A 375 -8.49 4.63 -12.85
CA PHE A 375 -9.72 4.82 -12.06
C PHE A 375 -10.89 4.57 -13.01
N ASP A 376 -12.03 4.12 -12.50
CA ASP A 376 -13.17 3.89 -13.41
C ASP A 376 -13.86 5.21 -13.79
N PHE A 377 -14.94 5.13 -14.56
CA PHE A 377 -15.61 6.34 -15.05
C PHE A 377 -16.20 7.19 -13.96
N LYS A 378 -16.29 6.62 -12.75
CA LYS A 378 -16.89 7.26 -11.56
C LYS A 378 -15.85 7.61 -10.47
N GLY A 379 -14.57 7.40 -10.76
CA GLY A 379 -13.50 7.87 -9.88
C GLY A 379 -13.04 6.94 -8.79
N ARG A 380 -13.42 5.67 -8.88
CA ARG A 380 -12.93 4.66 -7.95
C ARG A 380 -11.66 4.02 -8.53
N PRO A 381 -10.64 3.78 -7.69
CA PRO A 381 -9.45 3.13 -8.24
C PRO A 381 -9.75 1.76 -8.85
N LEU A 382 -9.10 1.46 -9.97
CA LEU A 382 -9.15 0.12 -10.54
C LEU A 382 -8.10 -0.74 -9.86
N PRO A 383 -8.29 -2.06 -9.87
CA PRO A 383 -7.29 -3.00 -9.40
C PRO A 383 -5.88 -2.71 -9.95
N SER A 384 -5.82 -2.30 -11.22
CA SER A 384 -4.59 -2.04 -11.94
C SER A 384 -3.76 -0.89 -11.33
N LEU A 385 -4.40 -0.03 -10.53
CA LEU A 385 -3.65 0.95 -9.76
C LEU A 385 -2.64 0.30 -8.82
N HIS A 386 -2.90 -0.92 -8.35
CA HIS A 386 -1.99 -1.65 -7.45
C HIS A 386 -0.67 -2.02 -8.11
N VAL A 387 -0.54 -1.78 -9.42
CA VAL A 387 0.64 -2.22 -10.17
C VAL A 387 1.95 -1.59 -9.65
N PHE A 388 1.90 -0.35 -9.18
CA PHE A 388 3.05 0.34 -8.61
C PHE A 388 3.63 -0.31 -7.33
N GLN A 389 2.78 -0.90 -6.48
CA GLN A 389 3.26 -1.71 -5.35
C GLN A 389 3.75 -3.08 -5.80
N TYR A 390 2.91 -3.76 -6.58
CA TYR A 390 3.11 -5.19 -6.88
C TYR A 390 4.30 -5.51 -7.79
N VAL A 391 4.86 -4.50 -8.46
CA VAL A 391 6.05 -4.75 -9.30
C VAL A 391 7.26 -5.12 -8.44
N ASP A 392 7.28 -4.63 -7.20
CA ASP A 392 8.34 -4.90 -6.25
C ASP A 392 8.32 -6.35 -5.78
N THR A 393 7.12 -6.91 -5.63
CA THR A 393 6.94 -8.16 -4.88
C THR A 393 6.29 -9.27 -5.69
N GLY A 394 5.49 -8.88 -6.68
CA GLY A 394 4.56 -9.80 -7.31
C GLY A 394 3.27 -9.83 -6.50
N THR A 395 2.22 -10.41 -7.07
CA THR A 395 0.97 -10.58 -6.35
C THR A 395 1.19 -11.66 -5.29
N PRO A 396 0.40 -11.69 -4.19
CA PRO A 396 0.46 -12.98 -3.48
C PRO A 396 0.07 -14.16 -4.38
N GLY B 11 1.88 8.80 36.60
CA GLY B 11 2.44 7.96 35.49
C GLY B 11 2.07 6.49 35.69
N LEU B 12 2.97 5.59 35.28
CA LEU B 12 2.79 4.15 35.55
C LEU B 12 3.76 3.67 36.60
N TYR B 13 3.30 2.85 37.55
CA TYR B 13 4.22 2.09 38.38
C TYR B 13 4.30 0.65 37.88
N VAL B 14 5.53 0.18 37.75
CA VAL B 14 5.82 -1.20 37.36
C VAL B 14 7.05 -1.62 38.15
N GLU B 15 6.94 -2.72 38.87
CA GLU B 15 8.08 -3.32 39.54
C GLU B 15 8.94 -4.06 38.51
N LYS B 16 10.23 -3.74 38.50
CA LYS B 16 11.20 -4.44 37.65
C LYS B 16 11.00 -5.96 37.70
N VAL B 17 10.97 -6.58 36.53
CA VAL B 17 10.85 -8.04 36.44
C VAL B 17 12.25 -8.61 36.65
N SER B 18 12.42 -9.35 37.75
CA SER B 18 13.72 -9.93 38.11
C SER B 18 14.09 -11.16 37.28
N GLY B 19 15.30 -11.15 36.75
CA GLY B 19 15.78 -12.25 35.93
C GLY B 19 15.45 -12.07 34.45
N LEU B 20 14.78 -10.96 34.09
CA LEU B 20 14.30 -10.77 32.73
C LEU B 20 15.45 -10.66 31.72
N ARG B 21 15.47 -11.57 30.75
CA ARG B 21 16.48 -11.57 29.69
C ARG B 21 16.35 -10.36 28.78
N LYS B 22 17.48 -9.86 28.32
CA LYS B 22 17.54 -8.66 27.47
C LYS B 22 16.89 -8.85 26.08
N ASP B 23 16.75 -10.10 25.65
CA ASP B 23 16.19 -10.40 24.35
C ASP B 23 14.78 -11.02 24.42
N PHE B 24 14.12 -10.83 25.57
CA PHE B 24 12.74 -11.29 25.80
C PHE B 24 11.78 -10.77 24.72
N ILE B 25 10.93 -11.65 24.19
CA ILE B 25 9.91 -11.22 23.26
C ILE B 25 8.81 -10.42 24.00
N LYS B 26 8.69 -9.16 23.60
CA LYS B 26 7.60 -8.29 24.01
C LYS B 26 6.73 -8.03 22.80
N GLY B 27 5.66 -8.81 22.63
CA GLY B 27 4.86 -8.72 21.44
C GLY B 27 3.42 -8.28 21.60
N VAL B 28 2.83 -7.92 20.46
CA VAL B 28 1.41 -7.57 20.38
C VAL B 28 0.76 -8.22 19.17
N ASP B 29 -0.47 -8.71 19.36
CA ASP B 29 -1.29 -9.13 18.24
C ASP B 29 -2.27 -7.99 17.96
N VAL B 30 -2.07 -7.29 16.84
CA VAL B 30 -2.91 -6.16 16.43
C VAL B 30 -3.59 -6.43 15.09
N SER B 31 -4.12 -7.63 14.91
CA SER B 31 -4.60 -8.09 13.61
C SER B 31 -5.78 -7.28 13.04
N SER B 32 -6.55 -6.67 13.94
CA SER B 32 -7.72 -5.86 13.60
C SER B 32 -7.37 -4.48 13.04
N ILE B 33 -6.10 -4.09 13.15
CA ILE B 33 -5.66 -2.74 12.79
C ILE B 33 -6.09 -2.30 11.38
N ILE B 34 -5.93 -3.17 10.38
CA ILE B 34 -6.34 -2.82 8.99
C ILE B 34 -7.84 -2.48 8.87
N ALA B 35 -8.72 -3.41 9.22
CA ALA B 35 -10.17 -3.14 9.28
C ALA B 35 -10.54 -1.89 10.07
N LEU B 36 -9.81 -1.61 11.16
CA LEU B 36 -10.11 -0.45 12.01
C LEU B 36 -9.72 0.85 11.33
N GLU B 37 -8.55 0.85 10.70
CA GLU B 37 -8.08 2.03 9.96
C GLU B 37 -9.04 2.34 8.80
N GLU B 38 -9.52 1.29 8.15
CA GLU B 38 -10.55 1.39 7.11
C GLU B 38 -11.92 1.89 7.60
N SER B 39 -12.22 1.63 8.86
CA SER B 39 -13.42 2.17 9.51
C SER B 39 -13.25 3.65 9.94
N GLY B 40 -12.10 4.25 9.62
CA GLY B 40 -11.79 5.62 10.01
C GLY B 40 -11.18 5.81 11.40
N VAL B 41 -10.80 4.72 12.06
CA VAL B 41 -10.20 4.78 13.39
C VAL B 41 -8.75 5.30 13.31
N ALA B 42 -8.41 6.21 14.22
CA ALA B 42 -7.08 6.81 14.23
C ALA B 42 -6.35 6.57 15.56
N PHE B 43 -5.02 6.50 15.47
CA PHE B 43 -4.17 6.26 16.63
C PHE B 43 -3.15 7.37 16.78
N TYR B 44 -2.75 7.63 18.03
CA TYR B 44 -1.92 8.76 18.40
C TYR B 44 -0.71 8.30 19.21
N ASN B 45 0.32 9.14 19.31
CA ASN B 45 1.40 8.91 20.26
C ASN B 45 1.04 9.59 21.58
N GLU B 46 1.89 9.54 22.59
CA GLU B 46 1.49 10.18 23.85
C GLU B 46 1.63 11.70 23.84
N SER B 47 2.31 12.22 22.82
CA SER B 47 2.37 13.66 22.57
C SER B 47 1.05 14.23 22.02
N GLY B 48 0.16 13.33 21.59
CA GLY B 48 -1.20 13.71 21.17
C GLY B 48 -1.40 13.94 19.68
N LYS B 49 -0.40 13.57 18.88
CA LYS B 49 -0.45 13.73 17.41
C LYS B 49 -0.67 12.40 16.70
N LYS B 50 -1.38 12.44 15.57
CA LYS B 50 -1.62 11.24 14.78
C LYS B 50 -0.32 10.60 14.38
N GLN B 51 -0.27 9.28 14.57
CA GLN B 51 0.90 8.49 14.22
C GLN B 51 0.49 7.06 13.90
N ASP B 52 1.23 6.45 12.97
CA ASP B 52 1.17 5.03 12.69
C ASP B 52 1.36 4.24 14.00
N ILE B 53 0.39 3.38 14.31
CA ILE B 53 0.40 2.58 15.54
C ILE B 53 1.67 1.76 15.70
N PHE B 54 2.17 1.21 14.59
CA PHE B 54 3.43 0.45 14.56
C PHE B 54 4.65 1.25 15.02
N LYS B 55 4.65 2.55 14.72
CA LYS B 55 5.70 3.42 15.20
C LYS B 55 5.59 3.65 16.73
N THR B 56 4.36 3.82 17.21
CA THR B 56 4.10 4.02 18.64
C THR B 56 4.43 2.74 19.41
N LEU B 57 4.09 1.58 18.85
CA LEU B 57 4.39 0.28 19.44
C LEU B 57 5.89 0.10 19.62
N LYS B 58 6.64 0.41 18.56
CA LYS B 58 8.11 0.35 18.57
C LYS B 58 8.74 1.21 19.66
N GLU B 59 8.32 2.47 19.72
CA GLU B 59 8.76 3.41 20.74
C GLU B 59 8.40 3.00 22.19
N ALA B 60 7.38 2.17 22.33
CA ALA B 60 6.98 1.61 23.61
C ALA B 60 7.83 0.36 23.93
N GLY B 61 8.71 0.00 22.99
CA GLY B 61 9.65 -1.13 23.20
C GLY B 61 9.16 -2.51 22.78
N VAL B 62 7.99 -2.59 22.14
CA VAL B 62 7.50 -3.81 21.51
C VAL B 62 8.51 -4.24 20.41
N ASN B 63 8.88 -5.51 20.38
CA ASN B 63 9.83 -6.00 19.38
C ASN B 63 9.25 -7.07 18.46
N TYR B 64 7.93 -7.26 18.49
CA TYR B 64 7.30 -8.39 17.81
C TYR B 64 5.83 -8.16 17.55
N VAL B 65 5.38 -8.54 16.35
CA VAL B 65 3.99 -8.42 16.00
C VAL B 65 3.45 -9.79 15.62
N ARG B 66 2.25 -10.11 16.11
CA ARG B 66 1.57 -11.38 15.79
C ARG B 66 0.37 -11.05 14.95
N VAL B 67 0.15 -11.84 13.92
CA VAL B 67 -0.96 -11.63 13.02
C VAL B 67 -1.71 -12.95 12.78
N ARG B 68 -3.03 -12.95 12.95
CA ARG B 68 -3.82 -14.13 12.66
C ARG B 68 -4.11 -14.21 11.16
N ILE B 69 -4.10 -15.42 10.63
CA ILE B 69 -4.32 -15.61 9.17
C ILE B 69 -5.42 -16.65 8.95
N TRP B 70 -6.51 -16.21 8.34
CA TRP B 70 -7.63 -17.09 7.98
C TRP B 70 -7.52 -17.39 6.48
N ASN B 71 -7.84 -18.61 6.07
CA ASN B 71 -7.62 -19.00 4.65
C ASN B 71 -8.44 -18.12 3.70
N ASP B 72 -9.76 -18.17 3.88
CA ASP B 72 -10.68 -17.35 3.09
C ASP B 72 -11.84 -16.84 3.94
N PRO B 73 -11.58 -15.77 4.74
CA PRO B 73 -12.58 -15.23 5.66
C PRO B 73 -13.68 -14.36 4.98
N TYR B 74 -14.20 -14.85 3.85
CA TYR B 74 -15.20 -14.14 3.05
C TYR B 74 -16.25 -15.12 2.56
N ASP B 75 -17.50 -14.68 2.44
CA ASP B 75 -18.53 -15.49 1.78
C ASP B 75 -18.30 -15.53 0.25
N ALA B 76 -19.19 -16.21 -0.45
CA ALA B 76 -19.04 -16.40 -1.91
C ALA B 76 -18.97 -15.07 -2.67
N ASN B 77 -19.66 -14.06 -2.13
CA ASN B 77 -19.69 -12.76 -2.76
C ASN B 77 -18.55 -11.86 -2.35
N GLY B 78 -17.66 -12.38 -1.50
CA GLY B 78 -16.54 -11.61 -0.99
C GLY B 78 -16.92 -10.67 0.13
N ASN B 79 -18.02 -10.94 0.82
CA ASN B 79 -18.33 -10.20 2.06
C ASN B 79 -17.60 -10.79 3.28
N GLY B 80 -16.70 -9.99 3.84
CA GLY B 80 -15.87 -10.42 4.98
C GLY B 80 -16.65 -10.97 6.13
N TYR B 81 -16.10 -11.98 6.79
CA TYR B 81 -16.64 -12.55 8.02
C TYR B 81 -16.44 -11.63 9.23
N GLY B 82 -15.62 -10.59 9.05
CA GLY B 82 -15.28 -9.66 10.11
C GLY B 82 -14.12 -10.17 10.92
N GLY B 83 -14.04 -9.75 12.19
CA GLY B 83 -12.92 -10.12 13.04
C GLY B 83 -11.62 -9.54 12.53
N GLY B 84 -11.73 -8.47 11.73
CA GLY B 84 -10.57 -7.87 11.06
C GLY B 84 -10.36 -8.36 9.62
N ASN B 85 -11.18 -9.32 9.18
CA ASN B 85 -11.11 -9.93 7.83
C ASN B 85 -9.70 -10.39 7.49
N ASN B 86 -9.10 -11.10 8.43
CA ASN B 86 -7.65 -11.36 8.42
C ASN B 86 -7.19 -12.50 7.51
N ASP B 87 -6.70 -12.12 6.34
CA ASP B 87 -6.22 -13.06 5.35
C ASP B 87 -4.74 -12.85 5.12
N LEU B 88 -4.16 -13.62 4.22
CA LEU B 88 -2.78 -13.42 3.83
C LEU B 88 -2.44 -11.97 3.46
N GLU B 89 -3.27 -11.36 2.61
CA GLU B 89 -3.02 -9.99 2.14
C GLU B 89 -2.89 -9.01 3.31
N LYS B 90 -3.76 -9.12 4.31
CA LYS B 90 -3.63 -8.25 5.48
C LYS B 90 -2.38 -8.56 6.28
N ALA B 91 -2.07 -9.84 6.40
CA ALA B 91 -0.84 -10.32 7.07
C ALA B 91 0.42 -9.68 6.50
N ILE B 92 0.44 -9.53 5.17
CA ILE B 92 1.55 -8.91 4.47
C ILE B 92 1.56 -7.40 4.74
N GLN B 93 0.40 -6.76 4.63
CA GLN B 93 0.27 -5.35 5.04
C GLN B 93 0.85 -5.17 6.45
N ILE B 94 0.35 -5.96 7.40
CA ILE B 94 0.81 -5.86 8.80
C ILE B 94 2.27 -6.24 8.95
N GLY B 95 2.70 -7.33 8.27
CA GLY B 95 4.11 -7.71 8.23
C GLY B 95 5.07 -6.61 7.74
N LYS B 96 4.67 -5.90 6.68
CA LYS B 96 5.50 -4.85 6.08
C LYS B 96 5.70 -3.72 7.07
N ARG B 97 4.60 -3.31 7.70
CA ARG B 97 4.66 -2.27 8.73
C ARG B 97 5.49 -2.68 9.95
N ALA B 98 5.37 -3.94 10.37
CA ALA B 98 6.17 -4.45 11.50
C ALA B 98 7.65 -4.43 11.21
N THR B 99 8.02 -4.96 10.04
CA THR B 99 9.40 -4.97 9.57
C THR B 99 9.96 -3.54 9.44
N ALA B 100 9.19 -2.67 8.80
CA ALA B 100 9.58 -1.26 8.63
C ALA B 100 9.80 -0.58 9.96
N ASN B 101 9.19 -1.11 11.02
CA ASN B 101 9.33 -0.53 12.35
C ASN B 101 10.24 -1.31 13.30
N GLY B 102 11.14 -2.11 12.74
CA GLY B 102 12.10 -2.88 13.53
C GLY B 102 11.52 -3.96 14.43
N MET B 103 10.35 -4.49 14.06
CA MET B 103 9.71 -5.56 14.80
C MET B 103 9.62 -6.85 13.96
N LYS B 104 9.98 -7.99 14.55
CA LYS B 104 9.77 -9.29 13.92
C LYS B 104 8.29 -9.69 13.84
N LEU B 105 7.99 -10.67 13.00
CA LEU B 105 6.62 -11.16 12.81
C LEU B 105 6.41 -12.59 13.32
N LEU B 106 5.33 -12.80 14.07
CA LEU B 106 4.80 -14.13 14.33
C LEU B 106 3.58 -14.31 13.44
N ALA B 107 3.66 -15.27 12.52
CA ALA B 107 2.55 -15.58 11.64
C ALA B 107 1.69 -16.64 12.28
N ASP B 108 0.44 -16.28 12.59
CA ASP B 108 -0.48 -17.17 13.31
C ASP B 108 -1.56 -17.78 12.39
N PHE B 109 -1.21 -18.90 11.76
CA PHE B 109 -2.14 -19.61 10.90
C PHE B 109 -3.19 -20.37 11.70
N HIS B 110 -4.45 -19.97 11.53
CA HIS B 110 -5.58 -20.67 12.13
C HIS B 110 -5.96 -21.96 11.38
N TYR B 111 -5.60 -22.02 10.10
CA TYR B 111 -6.01 -23.10 9.20
C TYR B 111 -7.54 -23.33 9.26
N SER B 112 -8.23 -22.20 9.17
CA SER B 112 -9.69 -22.13 9.23
C SER B 112 -10.03 -20.84 8.49
N ASP B 113 -11.30 -20.71 8.09
CA ASP B 113 -11.73 -19.48 7.45
C ASP B 113 -12.17 -18.41 8.44
N PHE B 114 -12.26 -18.79 9.72
CA PHE B 114 -12.64 -17.89 10.79
C PHE B 114 -12.04 -18.38 12.12
N TRP B 115 -12.38 -17.71 13.22
CA TRP B 115 -11.81 -17.98 14.56
C TRP B 115 -11.54 -19.44 14.87
N ALA B 116 -10.29 -19.78 15.07
CA ALA B 116 -9.93 -21.08 15.64
C ALA B 116 -9.66 -20.92 17.13
N ASP B 117 -10.42 -21.60 17.98
CA ASP B 117 -10.15 -21.59 19.42
C ASP B 117 -10.45 -22.98 19.99
N PRO B 118 -10.58 -23.13 21.34
CA PRO B 118 -10.89 -24.47 21.84
C PRO B 118 -12.24 -25.02 21.38
N ALA B 119 -13.18 -24.16 21.00
CA ALA B 119 -14.49 -24.65 20.56
C ALA B 119 -14.56 -24.82 19.02
N LYS B 120 -13.84 -23.96 18.30
CA LYS B 120 -13.97 -23.91 16.83
C LYS B 120 -12.66 -24.19 16.09
N GLN B 121 -12.64 -25.31 15.37
CA GLN B 121 -11.48 -25.71 14.57
C GLN B 121 -11.99 -26.28 13.25
N LYS B 122 -12.77 -25.44 12.58
CA LYS B 122 -13.48 -25.82 11.34
C LYS B 122 -12.56 -25.70 10.13
N ALA B 123 -12.62 -26.69 9.24
CA ALA B 123 -11.80 -26.71 8.04
C ALA B 123 -12.12 -25.52 7.16
N PRO B 124 -11.10 -24.93 6.51
CA PRO B 124 -11.42 -23.92 5.50
C PRO B 124 -12.41 -24.47 4.45
N LYS B 125 -13.25 -23.59 3.90
CA LYS B 125 -14.27 -23.98 2.93
C LYS B 125 -13.68 -24.75 1.76
N ALA B 126 -12.49 -24.36 1.35
CA ALA B 126 -11.78 -25.00 0.24
C ALA B 126 -11.29 -26.41 0.56
N TRP B 127 -11.23 -26.76 1.85
CA TRP B 127 -10.73 -28.08 2.26
C TRP B 127 -11.85 -28.98 2.76
N ALA B 128 -13.09 -28.49 2.72
CA ALA B 128 -14.25 -29.20 3.28
C ALA B 128 -14.49 -30.62 2.72
N ASN B 129 -14.23 -30.83 1.44
CA ASN B 129 -14.44 -32.15 0.84
C ASN B 129 -13.15 -32.95 0.49
N LEU B 130 -12.02 -32.48 1.00
CA LEU B 130 -10.75 -33.18 0.80
C LEU B 130 -10.63 -34.33 1.80
N ASN B 131 -10.12 -35.48 1.34
CA ASN B 131 -9.72 -36.56 2.21
C ASN B 131 -8.47 -36.11 3.00
N PHE B 132 -8.12 -36.86 4.05
CA PHE B 132 -7.03 -36.43 4.93
C PHE B 132 -5.68 -36.17 4.24
N GLU B 133 -5.25 -37.07 3.37
CA GLU B 133 -3.99 -36.88 2.63
C GLU B 133 -3.97 -35.56 1.86
N ASP B 134 -5.04 -35.27 1.13
CA ASP B 134 -5.12 -34.05 0.31
C ASP B 134 -5.27 -32.77 1.14
N LYS B 135 -5.99 -32.87 2.26
CA LYS B 135 -6.11 -31.75 3.22
C LYS B 135 -4.73 -31.42 3.77
N LYS B 136 -4.00 -32.46 4.15
CA LYS B 136 -2.64 -32.33 4.69
C LYS B 136 -1.68 -31.67 3.70
N THR B 137 -1.66 -32.08 2.44
CA THR B 137 -0.78 -31.43 1.47
C THR B 137 -1.26 -30.01 1.09
N ALA B 138 -2.56 -29.77 1.17
CA ALA B 138 -3.12 -28.41 1.08
C ALA B 138 -2.63 -27.49 2.23
N LEU B 139 -2.68 -28.01 3.47
CA LEU B 139 -2.19 -27.29 4.63
C LEU B 139 -0.69 -26.96 4.47
N TYR B 140 0.08 -27.98 4.09
CA TYR B 140 1.50 -27.79 3.85
C TYR B 140 1.73 -26.77 2.72
N GLN B 141 0.97 -26.92 1.64
CA GLN B 141 1.15 -26.08 0.48
C GLN B 141 0.74 -24.63 0.78
N TYR B 142 -0.44 -24.48 1.39
CA TYR B 142 -0.87 -23.16 1.85
C TYR B 142 0.19 -22.42 2.67
N THR B 143 0.79 -23.11 3.65
CA THR B 143 1.76 -22.49 4.55
C THR B 143 3.00 -22.03 3.81
N LYS B 144 3.57 -22.95 3.06
CA LYS B 144 4.73 -22.67 2.21
C LYS B 144 4.49 -21.47 1.23
N GLN B 145 3.35 -21.49 0.57
CA GLN B 145 2.92 -20.43 -0.35
C GLN B 145 2.83 -19.08 0.38
N SER B 146 2.14 -19.10 1.52
CA SER B 146 1.95 -17.94 2.37
C SER B 146 3.27 -17.33 2.84
N LEU B 147 4.17 -18.17 3.37
CA LEU B 147 5.51 -17.73 3.81
C LEU B 147 6.39 -17.18 2.67
N LYS B 148 6.34 -17.83 1.50
CA LYS B 148 7.04 -17.32 0.31
C LYS B 148 6.57 -15.92 -0.06
N ALA B 149 5.25 -15.70 -0.08
CA ALA B 149 4.70 -14.36 -0.36
C ALA B 149 5.22 -13.29 0.63
N MET B 150 5.25 -13.65 1.91
CA MET B 150 5.71 -12.77 2.97
C MET B 150 7.20 -12.44 2.87
N LYS B 151 8.01 -13.47 2.64
CA LYS B 151 9.44 -13.28 2.34
C LYS B 151 9.62 -12.38 1.10
N ALA B 152 8.85 -12.69 0.05
CA ALA B 152 8.87 -11.89 -1.19
C ALA B 152 8.56 -10.43 -0.86
N ALA B 153 7.71 -10.21 0.15
CA ALA B 153 7.37 -8.84 0.56
C ALA B 153 8.44 -8.18 1.43
N GLY B 154 9.56 -8.87 1.64
CA GLY B 154 10.66 -8.30 2.43
C GLY B 154 10.44 -8.40 3.94
N ILE B 155 9.41 -9.12 4.37
CA ILE B 155 9.02 -9.26 5.81
C ILE B 155 9.96 -10.12 6.66
N ASP B 156 10.36 -9.55 7.79
CA ASP B 156 11.19 -10.24 8.78
C ASP B 156 10.36 -11.17 9.68
N ILE B 157 10.31 -12.46 9.33
CA ILE B 157 9.50 -13.43 10.09
C ILE B 157 10.36 -14.10 11.15
N GLY B 158 10.00 -13.89 12.43
CA GLY B 158 10.67 -14.57 13.54
C GLY B 158 10.12 -15.93 13.92
N MET B 159 8.81 -16.13 13.74
CA MET B 159 8.12 -17.31 14.30
C MET B 159 6.87 -17.61 13.52
N VAL B 160 6.48 -18.88 13.51
CA VAL B 160 5.22 -19.29 12.89
C VAL B 160 4.49 -20.21 13.87
N GLN B 161 3.20 -19.93 14.03
CA GLN B 161 2.30 -20.67 14.88
C GLN B 161 1.50 -21.59 13.98
N VAL B 162 1.64 -22.89 14.18
CA VAL B 162 0.95 -23.88 13.35
C VAL B 162 -0.35 -24.24 14.07
N GLY B 163 -1.41 -23.46 13.78
CA GLY B 163 -2.68 -23.59 14.48
C GLY B 163 -2.78 -22.62 15.66
N ASN B 164 -4.00 -22.48 16.17
CA ASN B 164 -4.32 -21.52 17.22
C ASN B 164 -5.22 -22.15 18.23
N GLU B 165 -4.77 -22.21 19.48
CA GLU B 165 -5.49 -22.92 20.57
C GLU B 165 -6.15 -24.22 20.09
N THR B 166 -5.29 -25.11 19.59
CA THR B 166 -5.66 -26.41 19.05
C THR B 166 -5.77 -27.46 20.18
N ASN B 167 -6.56 -27.15 21.22
CA ASN B 167 -6.78 -28.06 22.37
C ASN B 167 -7.52 -29.33 21.98
N GLY B 168 -8.38 -29.22 20.96
CA GLY B 168 -9.30 -30.31 20.62
C GLY B 168 -9.42 -30.58 19.14
N GLY B 169 -8.74 -29.80 18.30
CA GLY B 169 -8.83 -30.05 16.88
C GLY B 169 -7.93 -29.19 16.03
N LEU B 170 -7.86 -29.51 14.75
CA LEU B 170 -7.17 -28.70 13.77
C LEU B 170 -7.75 -28.96 12.38
N ALA B 171 -8.15 -27.88 11.70
CA ALA B 171 -8.65 -27.93 10.32
C ALA B 171 -9.67 -29.05 10.09
N GLY B 172 -10.67 -29.13 10.96
CA GLY B 172 -11.71 -30.14 10.82
C GLY B 172 -11.41 -31.48 11.46
N GLU B 173 -10.15 -31.71 11.84
CA GLU B 173 -9.72 -32.98 12.44
C GLU B 173 -9.71 -32.93 13.95
N THR B 174 -10.21 -33.98 14.61
CA THR B 174 -10.22 -34.04 16.07
C THR B 174 -9.37 -35.19 16.63
N ASP B 175 -8.87 -36.03 15.73
CA ASP B 175 -8.03 -37.17 16.11
C ASP B 175 -6.58 -36.74 16.23
N TRP B 176 -5.98 -37.02 17.39
CA TRP B 176 -4.67 -36.46 17.74
C TRP B 176 -3.52 -36.98 16.89
N ALA B 177 -3.66 -38.20 16.41
CA ALA B 177 -2.73 -38.74 15.43
C ALA B 177 -2.84 -37.98 14.10
N LYS B 178 -4.05 -37.57 13.76
CA LYS B 178 -4.27 -36.80 12.53
C LYS B 178 -3.81 -35.36 12.71
N MET B 179 -4.14 -34.78 13.87
CA MET B 179 -3.70 -33.42 14.24
C MET B 179 -2.18 -33.30 14.21
N SER B 180 -1.47 -34.32 14.72
CA SER B 180 0.00 -34.38 14.74
C SER B 180 0.63 -34.39 13.35
N GLN B 181 0.04 -35.14 12.43
CA GLN B 181 0.45 -35.09 11.03
C GLN B 181 0.23 -33.73 10.40
N LEU B 182 -0.84 -33.05 10.84
CA LEU B 182 -1.13 -31.69 10.39
C LEU B 182 -0.11 -30.70 10.92
N PHE B 183 0.14 -30.74 12.23
CA PHE B 183 1.23 -29.95 12.81
C PHE B 183 2.55 -30.14 12.06
N ASN B 184 2.87 -31.38 11.71
CA ASN B 184 4.12 -31.67 10.97
C ASN B 184 4.13 -31.16 9.52
N ALA B 185 3.01 -31.27 8.82
CA ALA B 185 2.85 -30.63 7.49
C ALA B 185 3.22 -29.15 7.54
N GLY B 186 2.65 -28.41 8.51
CA GLY B 186 2.86 -26.96 8.64
C GLY B 186 4.31 -26.65 9.00
N SER B 187 4.80 -27.33 10.03
CA SER B 187 6.21 -27.27 10.45
C SER B 187 7.18 -27.54 9.31
N GLN B 188 6.88 -28.55 8.48
CA GLN B 188 7.75 -28.83 7.33
C GLN B 188 7.83 -27.62 6.41
N ALA B 189 6.68 -27.03 6.09
CA ALA B 189 6.64 -25.82 5.27
C ALA B 189 7.56 -24.73 5.82
N VAL B 190 7.55 -24.55 7.16
CA VAL B 190 8.34 -23.53 7.82
C VAL B 190 9.83 -23.85 7.75
N ARG B 191 10.20 -25.09 8.07
CA ARG B 191 11.59 -25.56 8.01
C ARG B 191 12.18 -25.40 6.58
N GLU B 192 11.39 -25.74 5.56
CA GLU B 192 11.88 -25.58 4.17
C GLU B 192 12.08 -24.10 3.80
N THR B 193 11.31 -23.20 4.41
CA THR B 193 11.31 -21.76 4.10
C THR B 193 12.53 -21.06 4.69
N ASP B 194 12.74 -21.22 6.00
CA ASP B 194 13.86 -20.63 6.69
C ASP B 194 14.12 -21.43 7.97
N SER B 195 15.36 -21.89 8.12
CA SER B 195 15.83 -22.67 9.27
C SER B 195 15.76 -21.92 10.60
N ASN B 196 15.81 -20.60 10.52
CA ASN B 196 15.88 -19.74 11.68
C ASN B 196 14.52 -19.34 12.23
N ILE B 197 13.45 -19.66 11.50
CA ILE B 197 12.09 -19.39 11.98
C ILE B 197 11.68 -20.43 13.05
N LEU B 198 11.26 -19.95 14.21
CA LEU B 198 10.80 -20.83 15.29
C LEU B 198 9.42 -21.34 14.96
N VAL B 199 9.17 -22.60 15.28
CA VAL B 199 7.87 -23.20 15.08
C VAL B 199 7.17 -23.30 16.44
N ALA B 200 6.03 -22.64 16.56
CA ALA B 200 5.21 -22.67 17.76
C ALA B 200 3.96 -23.51 17.56
N LEU B 201 3.60 -24.25 18.59
CA LEU B 201 2.24 -24.78 18.72
C LEU B 201 1.57 -24.05 19.89
N HIS B 202 0.26 -23.89 19.84
CA HIS B 202 -0.43 -22.97 20.75
C HIS B 202 -1.62 -23.65 21.39
N PHE B 203 -1.60 -23.71 22.72
CA PHE B 203 -2.68 -24.34 23.45
C PHE B 203 -3.23 -23.37 24.50
N THR B 204 -4.33 -23.76 25.15
CA THR B 204 -4.95 -22.92 26.17
C THR B 204 -5.47 -23.75 27.34
N ASN B 205 -6.07 -23.07 28.31
CA ASN B 205 -6.56 -23.66 29.56
C ASN B 205 -5.44 -24.37 30.30
N PRO B 206 -4.38 -23.61 30.68
CA PRO B 206 -3.25 -24.19 31.36
C PRO B 206 -3.64 -24.64 32.77
N GLU B 207 -4.79 -24.16 33.24
CA GLU B 207 -5.25 -24.45 34.61
C GLU B 207 -5.81 -25.84 34.75
N THR B 208 -6.13 -26.49 33.62
CA THR B 208 -6.71 -27.83 33.62
C THR B 208 -5.66 -28.89 33.96
N SER B 209 -5.92 -29.59 35.07
CA SER B 209 -5.00 -30.55 35.63
C SER B 209 -4.47 -31.56 34.62
N GLY B 210 -3.15 -31.62 34.48
CA GLY B 210 -2.50 -32.58 33.58
C GLY B 210 -2.67 -32.38 32.07
N ARG B 211 -3.36 -31.32 31.64
CA ARG B 211 -3.63 -31.11 30.19
C ARG B 211 -2.36 -30.91 29.35
N TYR B 212 -1.52 -30.00 29.80
CA TYR B 212 -0.32 -29.62 29.09
C TYR B 212 0.67 -30.78 29.07
N ALA B 213 0.78 -31.47 30.21
CA ALA B 213 1.57 -32.71 30.32
C ALA B 213 1.11 -33.75 29.30
N TRP B 214 -0.19 -34.04 29.29
CA TRP B 214 -0.75 -34.93 28.28
C TRP B 214 -0.44 -34.50 26.81
N ILE B 215 -0.64 -33.20 26.48
CA ILE B 215 -0.42 -32.72 25.10
C ILE B 215 1.05 -32.83 24.72
N ALA B 216 1.92 -32.30 25.57
CA ALA B 216 3.35 -32.35 25.30
C ALA B 216 3.87 -33.78 25.11
N GLU B 217 3.36 -34.70 25.93
CA GLU B 217 3.66 -36.14 25.78
C GLU B 217 3.12 -36.75 24.46
N THR B 218 1.88 -36.44 24.11
CA THR B 218 1.28 -36.85 22.83
C THR B 218 2.08 -36.33 21.62
N LEU B 219 2.42 -35.03 21.64
CA LEU B 219 3.22 -34.44 20.56
C LEU B 219 4.54 -35.17 20.40
N HIS B 220 5.17 -35.51 21.52
CA HIS B 220 6.40 -36.28 21.50
C HIS B 220 6.18 -37.68 20.92
N ARG B 221 5.17 -38.37 21.45
CA ARG B 221 4.78 -39.71 20.97
C ARG B 221 4.58 -39.75 19.46
N HIS B 222 3.94 -38.72 18.92
CA HIS B 222 3.68 -38.64 17.49
C HIS B 222 4.76 -37.88 16.74
N HIS B 223 5.91 -37.70 17.42
CA HIS B 223 7.12 -37.09 16.84
C HIS B 223 6.88 -35.79 16.06
N VAL B 224 6.12 -34.88 16.68
CA VAL B 224 5.83 -33.55 16.11
C VAL B 224 7.04 -32.64 16.26
N ASP B 225 7.49 -32.08 15.15
CA ASP B 225 8.65 -31.20 15.11
C ASP B 225 8.27 -29.73 15.38
N TYR B 226 8.55 -29.24 16.58
CA TYR B 226 8.28 -27.85 16.95
C TYR B 226 9.29 -27.32 17.98
N ASP B 227 9.46 -26.01 18.03
CA ASP B 227 10.42 -25.37 18.93
C ASP B 227 9.75 -24.83 20.22
N VAL B 228 8.53 -24.31 20.07
CA VAL B 228 7.88 -23.50 21.11
C VAL B 228 6.53 -24.11 21.47
N PHE B 229 6.38 -24.40 22.76
CA PHE B 229 5.07 -24.74 23.35
C PHE B 229 4.45 -23.43 23.86
N ALA B 230 3.43 -22.94 23.15
CA ALA B 230 2.82 -21.64 23.44
C ALA B 230 1.50 -21.84 24.16
N SER B 231 1.20 -20.92 25.07
CA SER B 231 -0.04 -20.96 25.81
C SER B 231 -0.72 -19.60 25.78
N SER B 232 -2.04 -19.63 25.72
CA SER B 232 -2.84 -18.48 26.10
C SER B 232 -2.83 -18.30 27.62
N TYR B 233 -3.02 -17.06 28.08
CA TYR B 233 -3.22 -16.81 29.50
C TYR B 233 -4.07 -15.59 29.77
N TYR B 234 -5.35 -15.84 29.96
CA TYR B 234 -6.28 -14.81 30.37
C TYR B 234 -6.57 -15.08 31.86
N PRO B 235 -6.15 -14.17 32.74
CA PRO B 235 -6.28 -14.44 34.17
C PRO B 235 -7.73 -14.60 34.65
N PHE B 236 -8.71 -14.14 33.88
CA PHE B 236 -10.13 -14.32 34.22
C PHE B 236 -10.50 -15.79 34.44
N TRP B 237 -9.94 -16.68 33.62
CA TRP B 237 -10.33 -18.09 33.63
C TRP B 237 -9.19 -19.09 33.77
N HIS B 238 -7.95 -18.68 33.54
CA HIS B 238 -6.88 -19.66 33.33
C HIS B 238 -6.01 -19.97 34.52
N GLY B 239 -6.56 -19.74 35.72
CA GLY B 239 -5.90 -20.10 36.95
C GLY B 239 -4.75 -19.18 37.29
N THR B 240 -3.79 -19.70 38.06
CA THR B 240 -2.79 -18.87 38.70
C THR B 240 -1.52 -18.72 37.86
N LEU B 241 -0.78 -17.66 38.17
CA LEU B 241 0.49 -17.39 37.52
C LEU B 241 1.49 -18.46 37.94
N LYS B 242 1.42 -18.85 39.21
CA LYS B 242 2.24 -19.91 39.77
C LYS B 242 2.04 -21.20 38.98
N ASN B 243 0.77 -21.55 38.71
CA ASN B 243 0.45 -22.70 37.89
C ASN B 243 1.05 -22.59 36.46
N LEU B 244 0.82 -21.47 35.80
CA LEU B 244 1.30 -21.22 34.44
C LEU B 244 2.79 -21.50 34.38
N THR B 245 3.55 -20.87 35.28
CA THR B 245 4.99 -21.08 35.36
C THR B 245 5.35 -22.55 35.51
N SER B 246 4.57 -23.24 36.34
CA SER B 246 4.78 -24.65 36.62
C SER B 246 4.48 -25.55 35.43
N VAL B 247 3.29 -25.45 34.84
CA VAL B 247 3.00 -26.27 33.64
C VAL B 247 3.99 -26.01 32.48
N LEU B 248 4.34 -24.75 32.26
CA LEU B 248 5.31 -24.41 31.22
C LEU B 248 6.73 -24.88 31.51
N THR B 249 7.15 -24.80 32.78
CA THR B 249 8.49 -25.27 33.20
C THR B 249 8.59 -26.79 32.99
N SER B 250 7.51 -27.49 33.25
CA SER B 250 7.49 -28.92 33.14
C SER B 250 7.66 -29.33 31.68
N VAL B 251 6.93 -28.66 30.77
CA VAL B 251 7.10 -28.85 29.30
C VAL B 251 8.50 -28.51 28.83
N ALA B 252 9.00 -27.34 29.21
CA ALA B 252 10.38 -26.98 28.89
C ALA B 252 11.41 -28.04 29.34
N ASP B 253 11.40 -28.37 30.63
CA ASP B 253 12.33 -29.34 31.24
C ASP B 253 12.20 -30.77 30.69
N THR B 254 10.98 -31.29 30.62
CA THR B 254 10.75 -32.64 30.10
C THR B 254 11.11 -32.79 28.61
N TYR B 255 10.75 -31.81 27.78
CA TYR B 255 10.83 -31.98 26.31
C TYR B 255 11.81 -31.07 25.60
N GLY B 256 12.54 -30.26 26.35
CA GLY B 256 13.56 -29.39 25.77
C GLY B 256 12.96 -28.36 24.83
N LYS B 257 11.84 -27.79 25.23
CA LYS B 257 11.14 -26.82 24.40
C LYS B 257 11.28 -25.41 24.94
N LYS B 258 11.20 -24.45 24.02
CA LYS B 258 11.01 -23.08 24.39
C LYS B 258 9.55 -22.93 24.78
N VAL B 259 9.25 -21.99 25.68
CA VAL B 259 7.85 -21.71 26.05
C VAL B 259 7.57 -20.20 25.99
N MET B 260 6.30 -19.84 25.78
CA MET B 260 5.90 -18.44 25.74
C MET B 260 4.38 -18.32 25.96
N VAL B 261 3.93 -17.09 26.22
CA VAL B 261 2.49 -16.78 26.18
C VAL B 261 2.17 -16.09 24.85
N ALA B 262 1.33 -16.75 24.03
CA ALA B 262 0.99 -16.27 22.69
C ALA B 262 -0.17 -15.32 22.73
N ALA B 263 -0.90 -15.27 23.85
CA ALA B 263 -2.09 -14.43 23.94
C ALA B 263 -2.46 -14.14 25.38
N THR B 264 -2.47 -12.86 25.74
CA THR B 264 -2.81 -12.42 27.08
C THR B 264 -3.37 -11.00 27.02
N SER B 265 -4.27 -10.70 27.95
CA SER B 265 -4.77 -9.35 28.14
C SER B 265 -5.29 -9.15 29.58
N TYR B 266 -5.65 -7.89 29.88
CA TYR B 266 -6.48 -7.53 31.04
C TYR B 266 -7.29 -6.27 30.75
N THR B 267 -8.38 -6.12 31.50
CA THR B 267 -9.27 -4.97 31.46
C THR B 267 -8.72 -3.77 32.21
N TYR B 268 -8.69 -2.60 31.57
CA TYR B 268 -8.30 -1.35 32.23
C TYR B 268 -9.55 -0.52 32.66
N THR B 269 -10.72 -0.96 32.18
CA THR B 269 -11.97 -0.32 32.55
C THR B 269 -13.10 -1.35 32.46
N ALA B 270 -14.19 -1.08 33.18
CA ALA B 270 -15.39 -1.89 33.09
C ALA B 270 -16.34 -1.37 32.01
N GLU B 271 -16.05 -0.19 31.49
CA GLU B 271 -16.91 0.46 30.49
C GLU B 271 -16.88 -0.28 29.16
N ASP B 272 -18.03 -0.33 28.50
CA ASP B 272 -18.12 -0.82 27.14
C ASP B 272 -18.09 0.38 26.20
N GLY B 273 -17.03 0.48 25.42
CA GLY B 273 -16.75 1.66 24.60
C GLY B 273 -17.45 1.78 23.26
N ASP B 274 -18.07 0.71 22.78
CA ASP B 274 -18.67 0.76 21.44
C ASP B 274 -20.13 0.27 21.31
N GLY B 275 -20.70 -0.23 22.42
CA GLY B 275 -22.08 -0.66 22.42
C GLY B 275 -22.24 -2.14 22.24
N HIS B 276 -21.13 -2.82 21.94
CA HIS B 276 -21.12 -4.28 21.86
C HIS B 276 -20.50 -4.93 23.10
N GLY B 277 -21.30 -5.70 23.83
CA GLY B 277 -20.89 -6.29 25.09
C GLY B 277 -19.49 -6.87 25.10
N ASN B 278 -18.72 -6.50 26.11
CA ASN B 278 -17.36 -6.93 26.27
C ASN B 278 -17.25 -8.28 26.96
N THR B 279 -16.19 -9.02 26.61
CA THR B 279 -15.88 -10.35 27.14
C THR B 279 -15.70 -10.32 28.64
N ALA B 280 -15.16 -9.22 29.15
CA ALA B 280 -14.80 -9.05 30.54
C ALA B 280 -14.86 -7.55 30.85
N PRO B 281 -15.09 -7.17 32.12
CA PRO B 281 -15.23 -7.99 33.30
C PRO B 281 -16.64 -8.56 33.42
N LYS B 282 -16.75 -9.73 34.03
CA LYS B 282 -18.03 -10.38 34.23
C LYS B 282 -18.10 -11.04 35.60
N ASN B 283 -19.33 -11.23 36.09
CA ASN B 283 -19.58 -12.08 37.25
C ASN B 283 -18.93 -13.46 37.07
N GLY B 284 -18.21 -13.89 38.10
CA GLY B 284 -17.61 -15.22 38.09
C GLY B 284 -16.16 -15.30 37.59
N GLN B 285 -15.71 -14.25 36.91
CA GLN B 285 -14.34 -14.19 36.43
C GLN B 285 -13.42 -13.82 37.59
N THR B 286 -12.22 -14.41 37.59
CA THR B 286 -11.19 -14.08 38.60
C THR B 286 -10.55 -12.76 38.19
N LEU B 287 -10.60 -11.79 39.09
CA LEU B 287 -10.04 -10.48 38.87
C LEU B 287 -9.07 -10.11 40.00
N ASN B 288 -7.86 -10.64 39.92
CA ASN B 288 -6.83 -10.40 40.93
C ASN B 288 -6.21 -9.03 40.88
N ASN B 289 -6.50 -8.27 39.83
CA ASN B 289 -6.02 -6.89 39.75
C ASN B 289 -7.20 -5.94 39.66
N PRO B 290 -7.03 -4.69 40.15
CA PRO B 290 -8.08 -3.69 39.93
C PRO B 290 -8.33 -3.51 38.45
N VAL B 291 -9.58 -3.27 38.08
CA VAL B 291 -9.96 -2.99 36.71
C VAL B 291 -9.64 -1.52 36.43
N THR B 292 -8.35 -1.25 36.26
CA THR B 292 -7.81 0.09 36.07
C THR B 292 -6.57 -0.03 35.16
N VAL B 293 -6.10 1.10 34.67
CA VAL B 293 -4.88 1.16 33.90
C VAL B 293 -3.67 0.57 34.65
N GLN B 294 -3.50 0.95 35.92
CA GLN B 294 -2.53 0.31 36.80
C GLN B 294 -2.73 -1.18 36.90
N GLY B 295 -4.00 -1.57 37.10
CA GLY B 295 -4.35 -2.99 37.28
C GLY B 295 -3.89 -3.80 36.09
N GLN B 296 -4.33 -3.35 34.91
CA GLN B 296 -3.91 -3.89 33.62
C GLN B 296 -2.37 -3.99 33.50
N ALA B 297 -1.63 -2.92 33.79
CA ALA B 297 -0.16 -2.96 33.80
C ALA B 297 0.40 -4.01 34.75
N ASN B 298 -0.15 -4.09 35.98
CA ASN B 298 0.24 -5.10 36.95
C ASN B 298 0.12 -6.50 36.34
N ALA B 299 -1.05 -6.78 35.75
CA ALA B 299 -1.36 -8.06 35.12
C ALA B 299 -0.37 -8.45 34.01
N VAL B 300 0.02 -7.47 33.18
CA VAL B 300 0.95 -7.74 32.06
C VAL B 300 2.37 -7.95 32.62
N ARG B 301 2.76 -7.09 33.56
CA ARG B 301 4.05 -7.25 34.25
C ARG B 301 4.17 -8.65 34.90
N ASP B 302 3.10 -9.11 35.55
CA ASP B 302 3.10 -10.43 36.20
C ASP B 302 3.13 -11.64 35.28
N VAL B 303 2.48 -11.56 34.12
CA VAL B 303 2.55 -12.66 33.15
C VAL B 303 3.97 -12.69 32.53
N ILE B 304 4.56 -11.52 32.29
CA ILE B 304 5.97 -11.43 31.86
C ILE B 304 6.89 -12.07 32.91
N GLN B 305 6.66 -11.78 34.20
CA GLN B 305 7.38 -12.38 35.30
C GLN B 305 7.27 -13.90 35.30
N ALA B 306 6.05 -14.43 35.13
CA ALA B 306 5.77 -15.86 35.22
C ALA B 306 6.42 -16.69 34.09
N VAL B 307 6.52 -16.11 32.89
CA VAL B 307 7.26 -16.73 31.77
C VAL B 307 8.79 -16.56 31.94
N SER B 308 9.22 -15.37 32.33
CA SER B 308 10.62 -15.18 32.63
C SER B 308 11.10 -16.15 33.72
N ASP B 309 10.28 -16.41 34.74
CA ASP B 309 10.61 -17.36 35.82
C ASP B 309 10.79 -18.80 35.35
N VAL B 310 10.45 -19.08 34.09
CA VAL B 310 10.66 -20.41 33.52
C VAL B 310 12.18 -20.68 33.37
N GLY B 311 12.94 -19.62 33.17
CA GLY B 311 14.37 -19.72 33.01
C GLY B 311 14.66 -19.44 31.55
N GLU B 312 15.74 -20.04 31.03
CA GLU B 312 16.18 -19.65 29.69
C GLU B 312 15.10 -19.98 28.64
N ALA B 313 14.31 -21.03 28.88
CA ALA B 313 13.31 -21.47 27.90
C ALA B 313 12.08 -20.54 27.81
N GLY B 314 11.96 -19.59 28.74
CA GLY B 314 10.85 -18.61 28.75
C GLY B 314 11.11 -17.44 27.81
N ILE B 315 10.56 -17.49 26.60
CA ILE B 315 11.05 -16.62 25.52
C ILE B 315 10.30 -15.32 25.32
N GLY B 316 9.01 -15.32 25.65
CA GLY B 316 8.26 -14.08 25.62
C GLY B 316 6.77 -14.11 25.88
N VAL B 317 6.17 -12.92 25.75
CA VAL B 317 4.73 -12.72 25.93
C VAL B 317 4.20 -11.87 24.78
N PHE B 318 3.08 -12.31 24.20
CA PHE B 318 2.29 -11.48 23.28
C PHE B 318 1.01 -10.99 23.96
N TYR B 319 0.81 -9.67 23.95
CA TYR B 319 -0.49 -9.10 24.33
C TYR B 319 -1.45 -9.23 23.20
N TRP B 320 -2.63 -9.79 23.49
CA TRP B 320 -3.65 -9.99 22.47
C TRP B 320 -4.55 -8.73 22.28
N GLU B 321 -4.56 -8.20 21.06
CA GLU B 321 -5.38 -7.05 20.70
C GLU B 321 -5.30 -5.84 21.67
N PRO B 322 -4.13 -5.20 21.74
CA PRO B 322 -4.00 -4.02 22.61
C PRO B 322 -4.63 -2.74 22.01
N ALA B 323 -5.37 -2.87 20.91
CA ALA B 323 -5.88 -1.70 20.20
C ALA B 323 -7.12 -1.99 19.38
N TRP B 324 -7.95 -2.91 19.84
CA TRP B 324 -9.25 -3.14 19.21
C TRP B 324 -10.30 -2.20 19.78
N ILE B 325 -10.02 -0.91 19.65
CA ILE B 325 -10.86 0.16 20.19
C ILE B 325 -12.12 0.41 19.34
N PRO B 326 -13.10 1.16 19.92
CA PRO B 326 -14.39 1.46 19.24
C PRO B 326 -14.26 2.19 17.89
N VAL B 327 -15.18 1.91 16.96
CA VAL B 327 -15.26 2.72 15.72
C VAL B 327 -16.03 4.02 15.97
N GLY B 328 -16.64 4.09 17.15
CA GLY B 328 -17.48 5.20 17.57
C GLY B 328 -18.08 4.86 18.91
N PRO B 329 -18.65 5.88 19.60
CA PRO B 329 -19.20 5.70 20.95
C PRO B 329 -20.40 4.73 21.02
N ALA B 330 -20.69 4.26 22.23
CA ALA B 330 -21.70 3.25 22.50
C ALA B 330 -23.14 3.66 22.17
N HIS B 331 -23.49 4.91 22.40
CA HIS B 331 -24.83 5.40 22.04
C HIS B 331 -25.06 5.45 20.51
N ARG B 332 -23.98 5.40 19.74
CA ARG B 332 -24.06 5.35 18.28
C ARG B 332 -23.98 3.91 17.75
N LEU B 333 -24.52 2.99 18.55
CA LEU B 333 -24.56 1.56 18.26
C LEU B 333 -25.01 1.23 16.83
N GLU B 334 -26.18 1.70 16.42
CA GLU B 334 -26.70 1.37 15.10
C GLU B 334 -25.86 1.95 13.97
N LYS B 335 -25.22 3.08 14.27
CA LYS B 335 -24.30 3.73 13.34
C LYS B 335 -23.01 2.89 13.27
N ASN B 336 -22.59 2.35 14.42
CA ASN B 336 -21.41 1.50 14.51
C ASN B 336 -21.55 0.20 13.73
N LYS B 337 -22.75 -0.38 13.80
CA LYS B 337 -23.09 -1.63 13.11
C LYS B 337 -22.83 -1.59 11.62
N ALA B 338 -23.05 -0.42 11.01
CA ALA B 338 -22.80 -0.23 9.59
C ALA B 338 -21.32 -0.34 9.25
N LEU B 339 -20.47 0.17 10.13
CA LEU B 339 -19.02 0.12 10.00
C LEU B 339 -18.47 -1.31 10.22
N TRP B 340 -18.93 -1.95 11.29
CA TRP B 340 -18.61 -3.36 11.57
C TRP B 340 -18.96 -4.23 10.38
N GLU B 341 -20.16 -4.03 9.84
CA GLU B 341 -20.73 -4.83 8.78
C GLU B 341 -20.02 -4.64 7.44
N THR B 342 -19.60 -3.40 7.15
CA THR B 342 -18.91 -3.05 5.89
C THR B 342 -17.43 -3.36 5.91
N TYR B 343 -16.76 -2.98 6.99
CA TYR B 343 -15.30 -3.10 7.05
C TYR B 343 -14.82 -4.31 7.84
N GLY B 344 -15.75 -4.99 8.51
CA GLY B 344 -15.41 -6.14 9.34
C GLY B 344 -14.47 -5.77 10.47
N SER B 345 -14.72 -4.62 11.09
CA SER B 345 -13.87 -4.10 12.16
C SER B 345 -14.38 -4.43 13.57
N GLY B 346 -15.46 -5.19 13.65
CA GLY B 346 -15.85 -5.82 14.89
C GLY B 346 -15.39 -7.28 14.85
N TRP B 347 -15.75 -8.04 15.88
CA TRP B 347 -15.27 -9.43 15.97
C TRP B 347 -15.90 -10.37 14.91
N ALA B 348 -17.05 -9.97 14.36
CA ALA B 348 -17.74 -10.78 13.35
C ALA B 348 -18.84 -9.98 12.66
N THR B 349 -19.04 -10.25 11.37
CA THR B 349 -20.15 -9.71 10.62
C THR B 349 -21.25 -10.78 10.50
N SER B 350 -22.47 -10.37 10.16
CA SER B 350 -23.59 -11.30 9.90
C SER B 350 -23.23 -12.28 8.76
N TYR B 351 -22.30 -11.88 7.92
CA TYR B 351 -21.87 -12.72 6.80
C TYR B 351 -21.16 -14.00 7.23
N ALA B 352 -20.74 -14.05 8.49
CA ALA B 352 -20.04 -15.22 9.04
C ALA B 352 -21.02 -16.29 9.51
N ALA B 353 -22.33 -16.00 9.42
CA ALA B 353 -23.36 -16.95 9.88
C ALA B 353 -23.43 -18.21 9.02
N GLU B 354 -22.98 -18.10 7.76
CA GLU B 354 -22.87 -19.26 6.88
C GLU B 354 -21.87 -20.27 7.45
N TYR B 355 -20.69 -19.76 7.83
CA TYR B 355 -19.57 -20.59 8.26
C TYR B 355 -19.69 -21.03 9.73
N ASP B 356 -20.19 -20.12 10.57
CA ASP B 356 -20.32 -20.35 12.00
C ASP B 356 -21.68 -19.84 12.50
N PRO B 357 -22.75 -20.63 12.29
CA PRO B 357 -24.10 -20.26 12.78
C PRO B 357 -24.25 -20.22 14.30
N GLU B 358 -23.61 -21.14 15.02
CA GLU B 358 -23.84 -21.30 16.46
C GLU B 358 -23.32 -20.15 17.32
N ASP B 359 -22.25 -19.52 16.86
CA ASP B 359 -21.58 -18.48 17.63
C ASP B 359 -21.68 -17.13 16.92
N ALA B 360 -20.93 -16.98 15.82
CA ALA B 360 -20.94 -15.75 15.08
C ALA B 360 -22.34 -15.45 14.53
N GLY B 361 -23.15 -16.49 14.34
CA GLY B 361 -24.52 -16.35 13.82
C GLY B 361 -25.43 -15.61 14.79
N LYS B 362 -25.24 -15.83 16.09
CA LYS B 362 -26.10 -15.16 17.07
C LYS B 362 -25.43 -13.99 17.80
N TRP B 363 -24.12 -13.82 17.62
CA TRP B 363 -23.38 -12.86 18.46
C TRP B 363 -22.61 -11.81 17.68
N PHE B 364 -22.65 -11.91 16.35
CA PHE B 364 -21.94 -10.97 15.48
C PHE B 364 -22.14 -9.50 15.90
N GLY B 365 -21.13 -8.67 15.61
CA GLY B 365 -21.16 -7.26 15.99
C GLY B 365 -19.79 -6.63 16.11
N GLY B 366 -19.56 -5.93 17.22
CA GLY B 366 -18.40 -5.03 17.38
C GLY B 366 -17.26 -5.62 18.18
N SER B 367 -16.44 -4.76 18.78
CA SER B 367 -15.34 -5.20 19.61
C SER B 367 -15.85 -5.70 20.95
N ALA B 368 -15.31 -6.83 21.39
CA ALA B 368 -15.61 -7.42 22.66
C ALA B 368 -14.50 -7.15 23.64
N VAL B 369 -13.51 -6.36 23.24
CA VAL B 369 -12.27 -6.21 24.01
C VAL B 369 -11.71 -4.78 24.01
N ASP B 370 -12.56 -3.80 23.68
CA ASP B 370 -12.13 -2.40 23.64
C ASP B 370 -11.65 -1.96 25.03
N ASN B 371 -12.20 -2.60 26.07
CA ASN B 371 -11.79 -2.28 27.45
C ASN B 371 -10.51 -2.99 27.93
N GLN B 372 -9.86 -3.70 27.00
CA GLN B 372 -8.63 -4.44 27.29
C GLN B 372 -7.47 -3.91 26.45
N ALA B 373 -7.75 -2.83 25.74
CA ALA B 373 -6.78 -2.13 24.93
C ALA B 373 -5.69 -1.48 25.79
N LEU B 374 -4.56 -1.15 25.16
CA LEU B 374 -3.53 -0.33 25.82
C LEU B 374 -3.57 1.11 25.26
N PHE B 375 -4.68 1.41 24.62
CA PHE B 375 -5.01 2.70 24.05
C PHE B 375 -6.41 2.97 24.57
N ASP B 376 -6.78 4.26 24.71
CA ASP B 376 -8.13 4.59 25.16
C ASP B 376 -9.13 4.50 23.99
N PHE B 377 -10.40 4.77 24.27
CA PHE B 377 -11.45 4.65 23.27
C PHE B 377 -11.26 5.57 22.07
N LYS B 378 -10.39 6.58 22.19
CA LYS B 378 -10.08 7.53 21.09
C LYS B 378 -8.65 7.40 20.49
N GLY B 379 -7.97 6.30 20.78
CA GLY B 379 -6.70 5.96 20.14
C GLY B 379 -5.43 6.57 20.71
N ARG B 380 -5.53 7.14 21.91
CA ARG B 380 -4.35 7.66 22.60
C ARG B 380 -3.76 6.53 23.46
N PRO B 381 -2.42 6.44 23.51
CA PRO B 381 -1.86 5.40 24.37
C PRO B 381 -2.16 5.64 25.86
N LEU B 382 -2.57 4.56 26.55
CA LEU B 382 -2.71 4.56 27.99
C LEU B 382 -1.32 4.46 28.64
N PRO B 383 -1.19 4.93 29.89
CA PRO B 383 0.04 4.78 30.67
C PRO B 383 0.55 3.33 30.71
N SER B 384 -0.38 2.37 30.65
CA SER B 384 -0.02 0.96 30.73
C SER B 384 0.76 0.43 29.52
N LEU B 385 0.74 1.18 28.41
CA LEU B 385 1.61 0.85 27.27
C LEU B 385 3.10 0.93 27.65
N HIS B 386 3.45 1.75 28.66
CA HIS B 386 4.80 1.82 29.20
C HIS B 386 5.31 0.51 29.83
N VAL B 387 4.45 -0.50 29.92
CA VAL B 387 4.82 -1.70 30.69
C VAL B 387 5.95 -2.52 30.06
N PHE B 388 6.02 -2.51 28.73
CA PHE B 388 7.06 -3.18 27.95
C PHE B 388 8.48 -2.64 28.21
N GLN B 389 8.61 -1.32 28.35
CA GLN B 389 9.87 -0.70 28.73
C GLN B 389 10.18 -0.91 30.23
N TYR B 390 9.18 -0.62 31.08
CA TYR B 390 9.40 -0.54 32.53
C TYR B 390 9.65 -1.88 33.22
N VAL B 391 9.35 -2.99 32.55
CA VAL B 391 9.67 -4.29 33.14
C VAL B 391 11.19 -4.49 33.28
N ASP B 392 11.95 -3.87 32.37
CA ASP B 392 13.40 -3.95 32.36
C ASP B 392 14.03 -3.22 33.52
N THR B 393 13.49 -2.04 33.81
CA THR B 393 14.11 -1.11 34.77
C THR B 393 13.33 -0.88 36.07
N GLY B 394 12.01 -1.04 36.04
CA GLY B 394 11.16 -0.56 37.12
C GLY B 394 10.81 0.88 36.80
N THR B 395 9.83 1.42 37.53
CA THR B 395 9.41 2.79 37.31
C THR B 395 10.62 3.71 37.50
N PRO B 396 10.83 4.63 36.53
CA PRO B 396 11.95 5.58 36.50
C PRO B 396 11.75 6.80 37.40
N PHE B 397 12.86 7.46 37.73
CA PHE B 397 12.83 8.60 38.64
C PHE B 397 13.09 9.91 37.89
C1 GAL C . -1.91 13.99 -26.55
C2 GAL C . -1.73 14.83 -27.83
C3 GAL C . -2.81 15.92 -27.92
C4 GAL C . -4.21 15.33 -27.73
C5 GAL C . -4.23 14.55 -26.40
C6 GAL C . -5.60 13.91 -26.11
O1 GAL C . -1.08 12.84 -26.48
O2 GAL C . -0.44 15.42 -27.94
O3 GAL C . -2.74 16.56 -29.18
O4 GAL C . -4.49 14.45 -28.82
O5 GAL C . -3.26 13.52 -26.46
O6 GAL C . -5.55 13.11 -24.95
C1 GAL C . -5.61 14.85 -29.63
C2 GAL C . -5.27 14.67 -31.11
C3 GAL C . -6.45 15.08 -31.99
C4 GAL C . -7.71 14.31 -31.57
C5 GAL C . -7.93 14.44 -30.06
C6 GAL C . -9.08 13.57 -29.59
O2 GAL C . -4.13 15.39 -31.49
O3 GAL C . -6.14 14.77 -33.31
O4 GAL C . -7.56 12.96 -31.95
O5 GAL C . -6.75 14.09 -29.31
O6 GAL C . -10.30 14.14 -29.97
C1 GAL C . -8.62 12.50 -32.82
C2 GAL C . -8.05 11.55 -33.86
C3 GAL C . -9.16 10.95 -34.74
C4 GAL C . -10.40 10.46 -33.95
C5 GAL C . -10.73 11.39 -32.78
C6 GAL C . -11.65 10.71 -31.77
O2 GAL C . -7.08 12.19 -34.65
O3 GAL C . -8.61 9.88 -35.48
O4 GAL C . -10.24 9.14 -33.49
O5 GAL C . -9.58 11.80 -32.07
O6 GAL C . -11.83 11.62 -30.71
C1 GAL D . -11.53 -14.80 20.63
C2 GAL D . -12.50 -15.98 20.40
C3 GAL D . -13.52 -15.59 19.33
C4 GAL D . -14.23 -14.30 19.74
C5 GAL D . -13.18 -13.22 20.00
C6 GAL D . -13.79 -11.87 20.40
O1 GAL D . -10.48 -15.05 21.54
O2 GAL D . -11.81 -17.16 20.00
O3 GAL D . -14.47 -16.61 19.05
O4 GAL D . -15.01 -14.58 20.90
O5 GAL D . -12.28 -13.64 21.00
O6 GAL D . -12.78 -11.07 20.97
C1 GAL D . -16.39 -14.29 20.66
C2 GAL D . -17.17 -15.47 21.22
C3 GAL D . -18.69 -15.25 21.07
C4 GAL D . -19.12 -13.84 21.55
C5 GAL D . -18.17 -12.79 20.98
C6 GAL D . -18.47 -11.36 21.43
O2 GAL D . -16.71 -16.63 20.58
O3 GAL D . -19.37 -16.21 21.85
O4 GAL D . -19.07 -13.83 22.97
O5 GAL D . -16.82 -13.10 21.29
O6 GAL D . -19.86 -11.13 21.33
C1 GAL D . -20.29 -13.44 23.62
C2 GAL D . -20.46 -14.28 24.88
C3 GAL D . -21.64 -13.81 25.75
C4 GAL D . -21.74 -12.27 25.88
C5 GAL D . -21.40 -11.55 24.57
C6 GAL D . -21.21 -10.05 24.77
O2 GAL D . -20.65 -15.60 24.47
O3 GAL D . -21.54 -14.42 27.02
O4 GAL D . -20.91 -11.79 26.93
O5 GAL D . -20.21 -12.08 24.00
O6 GAL D . -20.80 -9.47 23.55
CA CA E . -13.88 9.94 -24.27
CA CA F . -17.32 -3.46 23.08
#